data_6FDX
#
_entry.id   6FDX
#
_cell.length_a   114.102
_cell.length_b   116.385
_cell.length_c   68.310
_cell.angle_alpha   90.00
_cell.angle_beta   108.67
_cell.angle_gamma   90.00
#
_symmetry.space_group_name_H-M   'C 1 2 1'
#
loop_
_entity.id
_entity.type
_entity.pdbx_description
1 polymer Phosphodiesterase
2 non-polymer 'ZINC ION'
3 non-polymer 'MAGNESIUM ION'
4 non-polymer (4aS,8aR)-2-[1-(2-aminoquinazolin-4-yl)piperidin-4-yl]-4-(3,4-dimethoxyphenyl)-1,2,4a,5,8,8a-hexahydrophthalazin-1-one
5 non-polymer 'FORMIC ACID'
6 non-polymer GUANIDINE
7 water water
#
_entity_poly.entity_id   1
_entity_poly.type   'polypeptide(L)'
_entity_poly.pdbx_seq_one_letter_code
;GSHMASELNEHRATLFNKNVPSRAVKRVTAITKVEREAVLVCELPSFDVTDVEFDLFRARESTDKPLDVAAAIAYRLLLG
SGLPQKFGCSDEVLLNFILQCRKKYRNVPYHNFYHVVDVCQTIHTFLYRGNVYEKLTELECFVLLITALVHDLDHMGLNN
SFYLKTESPLGILSSASGNTSVLEVHHCNLAVEILSDPESDVFDGLEGAERTLAFRSMIDCVLATDMAKHGSALEAFLAS
AADQSSDEAAFHRMTMEIILKAGDISNVTKPFDISRQWAMAVTEEFYRQGDMEKERGVEVLPMFDRSKNMELAKGQIGFI
DFVAAPFFQKIVDACLQGMQWTVDRIKSNRAQWERVLETR
;
_entity_poly.pdbx_strand_id   A,B
#
# COMPACT_ATOMS: atom_id res chain seq x y z
N VAL A 28 24.05 29.87 -25.90
CA VAL A 28 24.22 28.44 -26.09
C VAL A 28 23.00 27.77 -26.69
N THR A 29 23.19 27.06 -27.79
CA THR A 29 22.11 26.34 -28.47
C THR A 29 20.82 27.03 -28.86
N ALA A 30 20.02 27.45 -27.88
CA ALA A 30 18.68 28.09 -27.94
C ALA A 30 17.61 27.06 -28.21
N ILE A 31 16.58 27.08 -27.39
CA ILE A 31 15.52 26.08 -27.47
C ILE A 31 14.60 26.08 -28.67
N THR A 32 14.04 27.24 -28.99
CA THR A 32 13.11 27.48 -30.11
C THR A 32 11.71 26.90 -30.01
N LYS A 33 10.77 27.53 -30.70
CA LYS A 33 9.37 27.10 -30.73
C LYS A 33 9.15 25.64 -31.11
N VAL A 34 9.95 25.12 -32.04
CA VAL A 34 9.92 23.73 -32.44
C VAL A 34 9.93 22.78 -31.25
N GLU A 35 10.81 23.05 -30.31
CA GLU A 35 10.91 22.24 -29.12
C GLU A 35 9.91 22.76 -28.15
N ARG A 36 9.86 24.09 -28.05
CA ARG A 36 8.94 24.75 -27.15
C ARG A 36 7.57 24.15 -27.28
N GLU A 37 6.82 24.56 -28.30
CA GLU A 37 5.48 24.04 -28.53
C GLU A 37 5.43 22.52 -28.39
N ALA A 38 6.42 21.81 -28.89
CA ALA A 38 6.39 20.35 -28.69
C ALA A 38 6.06 19.90 -27.27
N VAL A 39 6.27 20.77 -26.28
CA VAL A 39 5.86 20.52 -24.88
C VAL A 39 4.50 21.11 -24.55
N LEU A 40 4.24 22.34 -25.02
CA LEU A 40 3.00 23.08 -24.69
C LEU A 40 1.72 22.37 -25.16
N VAL A 41 1.84 21.64 -26.26
CA VAL A 41 0.75 20.80 -26.80
C VAL A 41 0.67 19.38 -26.17
N CYS A 42 1.14 19.21 -24.94
CA CYS A 42 0.86 18.02 -24.13
C CYS A 42 -0.02 18.49 -22.98
N GLU A 43 -1.13 17.81 -22.80
CA GLU A 43 -2.10 18.22 -21.82
C GLU A 43 -2.23 17.34 -20.65
N LEU A 44 -1.76 16.09 -20.78
CA LEU A 44 -1.79 15.08 -19.73
C LEU A 44 -3.01 15.08 -18.85
N PRO A 45 -4.14 14.69 -19.42
CA PRO A 45 -5.49 14.64 -18.87
C PRO A 45 -5.73 13.62 -17.79
N SER A 46 -5.12 12.46 -17.92
CA SER A 46 -5.34 11.38 -16.98
C SER A 46 -4.79 11.56 -15.56
N PHE A 47 -3.92 12.53 -15.33
CA PHE A 47 -3.30 12.66 -14.01
C PHE A 47 -3.34 13.98 -13.26
N ASP A 48 -3.10 13.87 -11.96
CA ASP A 48 -2.93 15.03 -11.05
C ASP A 48 -1.46 15.13 -10.53
N VAL A 49 -0.63 15.92 -11.21
CA VAL A 49 0.77 16.05 -10.87
C VAL A 49 1.07 16.44 -9.44
N THR A 50 0.07 16.88 -8.72
CA THR A 50 0.25 17.30 -7.35
C THR A 50 0.08 16.19 -6.34
N ASP A 51 -0.36 15.04 -6.79
CA ASP A 51 -0.64 13.93 -5.89
C ASP A 51 0.50 13.05 -5.49
N VAL A 52 0.53 12.65 -4.23
CA VAL A 52 1.57 11.75 -3.72
C VAL A 52 1.59 10.39 -4.40
N GLU A 53 0.50 10.03 -5.08
CA GLU A 53 0.45 8.80 -5.86
C GLU A 53 0.54 9.04 -7.35
N PHE A 54 1.04 10.20 -7.74
CA PHE A 54 1.26 10.46 -9.17
C PHE A 54 2.25 9.45 -9.71
N ASP A 55 1.97 9.01 -10.92
CA ASP A 55 2.70 7.91 -11.55
C ASP A 55 3.32 8.43 -12.83
N LEU A 56 4.65 8.53 -12.81
CA LEU A 56 5.43 9.04 -13.92
C LEU A 56 5.64 7.90 -14.90
N PHE A 57 5.67 6.65 -14.40
CA PHE A 57 5.76 5.52 -15.33
C PHE A 57 4.57 5.46 -16.32
N ARG A 58 3.32 5.63 -15.84
CA ARG A 58 2.15 5.74 -16.71
C ARG A 58 2.34 6.81 -17.76
N ALA A 59 2.66 8.02 -17.31
CA ALA A 59 2.84 9.18 -18.20
C ALA A 59 3.77 8.91 -19.38
N ARG A 60 4.90 8.31 -19.10
CA ARG A 60 5.85 8.02 -20.17
C ARG A 60 5.23 7.04 -21.18
N GLU A 61 4.82 5.88 -20.67
CA GLU A 61 4.06 4.82 -21.40
C GLU A 61 2.85 5.32 -22.22
N SER A 62 2.11 6.31 -21.71
CA SER A 62 0.92 6.82 -22.39
C SER A 62 1.13 7.70 -23.66
N THR A 63 2.34 7.83 -24.17
CA THR A 63 2.56 8.50 -25.47
C THR A 63 3.82 8.01 -26.18
N ASP A 64 3.89 8.37 -27.44
CA ASP A 64 5.10 8.18 -28.25
C ASP A 64 6.23 9.16 -27.83
N LYS A 65 5.86 10.32 -27.25
CA LYS A 65 6.81 11.41 -26.81
C LYS A 65 7.01 11.52 -25.29
N PRO A 66 7.61 10.49 -24.65
CA PRO A 66 7.75 10.54 -23.17
C PRO A 66 8.58 11.75 -22.64
N LEU A 67 9.63 12.13 -23.36
CA LEU A 67 10.43 13.34 -23.08
C LEU A 67 9.64 14.68 -23.15
N ASP A 68 8.62 14.81 -23.99
CA ASP A 68 7.83 16.05 -24.02
C ASP A 68 6.76 16.04 -22.94
N VAL A 69 6.31 14.84 -22.58
CA VAL A 69 5.37 14.65 -21.45
C VAL A 69 6.03 15.03 -20.11
N ALA A 70 7.23 14.48 -19.86
CA ALA A 70 8.00 14.76 -18.63
C ALA A 70 8.24 16.26 -18.44
N ALA A 71 8.69 16.91 -19.52
CA ALA A 71 8.86 18.37 -19.56
C ALA A 71 7.59 19.12 -19.20
N ALA A 72 6.47 18.68 -19.77
CA ALA A 72 5.19 19.31 -19.48
C ALA A 72 4.82 19.17 -18.01
N ILE A 73 5.14 18.02 -17.42
CA ILE A 73 4.85 17.75 -16.00
C ILE A 73 5.64 18.71 -15.10
N ALA A 74 6.89 18.99 -15.49
CA ALA A 74 7.74 19.94 -14.78
C ALA A 74 7.21 21.32 -14.98
N TYR A 75 7.02 21.70 -16.24
CA TYR A 75 6.43 22.98 -16.62
C TYR A 75 5.19 23.25 -15.83
N ARG A 76 4.26 22.28 -15.82
CA ARG A 76 2.95 22.45 -15.17
C ARG A 76 3.06 22.58 -13.65
N LEU A 77 3.95 21.80 -13.07
CA LEU A 77 4.21 21.83 -11.64
C LEU A 77 4.73 23.16 -11.20
N LEU A 78 5.69 23.70 -11.94
CA LEU A 78 6.28 24.96 -11.61
C LEU A 78 5.32 26.12 -11.81
N LEU A 79 4.63 26.14 -12.94
CA LEU A 79 3.68 27.21 -13.22
C LEU A 79 2.56 27.22 -12.25
N GLY A 80 2.08 26.04 -11.89
CA GLY A 80 0.99 25.90 -10.95
C GLY A 80 1.25 26.33 -9.52
N SER A 81 2.52 26.37 -9.14
CA SER A 81 2.96 26.81 -7.83
C SER A 81 2.89 28.31 -7.70
N GLY A 82 2.94 29.00 -8.83
CA GLY A 82 2.84 30.43 -8.87
C GLY A 82 4.05 31.08 -8.30
N LEU A 83 5.13 30.32 -8.25
CA LEU A 83 6.40 30.78 -7.72
C LEU A 83 7.24 31.50 -8.81
N PRO A 84 7.35 30.90 -10.01
CA PRO A 84 8.07 31.64 -11.04
C PRO A 84 7.53 33.05 -11.31
N GLN A 85 6.21 33.21 -11.30
CA GLN A 85 5.59 34.49 -11.59
C GLN A 85 6.03 35.48 -10.56
N LYS A 86 5.90 35.07 -9.30
CA LYS A 86 6.29 35.86 -8.11
C LYS A 86 7.72 36.42 -8.20
N PHE A 87 8.64 35.65 -8.81
CA PHE A 87 10.06 36.02 -8.86
C PHE A 87 10.47 36.49 -10.25
N GLY A 88 9.51 37.15 -10.92
CA GLY A 88 9.64 37.66 -12.28
C GLY A 88 10.22 36.69 -13.26
N CYS A 89 9.81 35.44 -13.17
CA CYS A 89 10.11 34.43 -14.20
C CYS A 89 8.90 34.15 -15.08
N SER A 90 8.96 34.58 -16.33
CA SER A 90 7.90 34.36 -17.29
C SER A 90 7.83 32.91 -17.66
N ASP A 91 6.76 32.50 -18.32
CA ASP A 91 6.66 31.11 -18.73
C ASP A 91 7.67 30.80 -19.80
N GLU A 92 7.93 31.74 -20.68
CA GLU A 92 8.87 31.52 -21.74
C GLU A 92 10.23 31.12 -21.23
N VAL A 93 10.72 31.85 -20.24
CA VAL A 93 12.06 31.55 -19.70
C VAL A 93 12.05 30.20 -18.98
N LEU A 94 11.01 29.99 -18.17
CA LEU A 94 10.80 28.69 -17.50
C LEU A 94 10.95 27.49 -18.42
N LEU A 95 10.25 27.51 -19.53
CA LEU A 95 10.27 26.36 -20.43
C LEU A 95 11.64 26.20 -21.11
N ASN A 96 12.28 27.33 -21.42
CA ASN A 96 13.63 27.25 -21.97
C ASN A 96 14.58 26.59 -20.99
N PHE A 97 14.47 27.00 -19.73
CA PHE A 97 15.24 26.39 -18.66
C PHE A 97 15.04 24.86 -18.62
N ILE A 98 13.80 24.41 -18.43
CA ILE A 98 13.48 22.96 -18.38
C ILE A 98 14.10 22.23 -19.57
N LEU A 99 13.81 22.75 -20.74
CA LEU A 99 14.31 22.19 -21.98
C LEU A 99 15.80 22.23 -22.06
N GLN A 100 16.43 23.23 -21.47
CA GLN A 100 17.88 23.28 -21.47
C GLN A 100 18.44 22.20 -20.57
N CYS A 101 17.74 21.86 -19.50
CA CYS A 101 18.17 20.81 -18.64
C CYS A 101 18.03 19.49 -19.33
N ARG A 102 16.87 19.25 -19.94
CA ARG A 102 16.59 18.00 -20.64
C ARG A 102 17.68 17.55 -21.58
N LYS A 103 18.21 18.48 -22.39
CA LYS A 103 19.30 18.19 -23.30
C LYS A 103 20.49 17.66 -22.55
N LYS A 104 20.82 18.27 -21.43
CA LYS A 104 21.93 17.85 -20.63
C LYS A 104 21.75 16.49 -20.02
N TYR A 105 20.52 16.04 -19.80
CA TYR A 105 20.37 14.62 -19.30
C TYR A 105 20.52 13.61 -20.40
N ARG A 106 21.15 12.51 -20.06
CA ARG A 106 21.43 11.49 -21.02
C ARG A 106 20.45 10.36 -20.99
N ASN A 107 20.82 9.30 -21.67
CA ASN A 107 19.94 8.19 -21.76
C ASN A 107 20.48 7.06 -21.01
N VAL A 108 20.31 7.13 -19.71
CA VAL A 108 20.74 6.04 -18.88
C VAL A 108 19.49 5.43 -18.23
N PRO A 109 19.63 4.29 -17.58
CA PRO A 109 18.48 3.60 -17.00
C PRO A 109 17.75 4.28 -15.86
N TYR A 110 18.47 5.04 -15.05
CA TYR A 110 17.93 5.64 -13.82
C TYR A 110 18.20 7.12 -13.74
N HIS A 111 19.45 7.52 -13.85
CA HIS A 111 19.82 8.92 -13.73
C HIS A 111 19.62 9.68 -15.00
N ASN A 112 18.38 9.78 -15.38
CA ASN A 112 17.95 10.42 -16.62
C ASN A 112 17.05 11.56 -16.24
N PHE A 113 16.46 12.22 -17.23
CA PHE A 113 15.54 13.32 -17.02
C PHE A 113 14.24 12.89 -16.31
N TYR A 114 13.89 11.59 -16.33
CA TYR A 114 12.68 11.12 -15.60
C TYR A 114 12.98 11.13 -14.11
N HIS A 115 14.19 10.81 -13.69
CA HIS A 115 14.54 10.88 -12.27
C HIS A 115 14.48 12.27 -11.67
N VAL A 116 14.79 13.29 -12.43
CA VAL A 116 14.88 14.65 -11.83
C VAL A 116 13.52 15.31 -11.88
N VAL A 117 12.74 14.92 -12.90
CA VAL A 117 11.32 15.31 -12.95
C VAL A 117 10.62 14.64 -11.74
N ASP A 118 10.89 13.36 -11.49
CA ASP A 118 10.37 12.70 -10.30
C ASP A 118 10.71 13.49 -9.03
N VAL A 119 11.99 13.84 -8.88
CA VAL A 119 12.49 14.53 -7.66
C VAL A 119 11.76 15.85 -7.45
N CYS A 120 11.56 16.57 -8.54
CA CYS A 120 10.85 17.85 -8.53
C CYS A 120 9.39 17.70 -8.11
N GLN A 121 8.75 16.66 -8.66
CA GLN A 121 7.33 16.36 -8.33
C GLN A 121 7.23 15.89 -6.88
N THR A 122 8.12 15.01 -6.47
CA THR A 122 8.14 14.58 -5.08
C THR A 122 8.39 15.70 -4.08
N ILE A 123 9.29 16.61 -4.40
CA ILE A 123 9.63 17.72 -3.52
C ILE A 123 8.41 18.62 -3.40
N HIS A 124 7.70 18.83 -4.50
CA HIS A 124 6.41 19.55 -4.48
C HIS A 124 5.44 18.94 -3.49
N THR A 125 5.29 17.63 -3.54
CA THR A 125 4.41 16.95 -2.57
C THR A 125 4.90 17.14 -1.15
N PHE A 126 6.21 17.00 -0.89
CA PHE A 126 6.74 17.21 0.49
C PHE A 126 6.51 18.66 0.96
N LEU A 127 6.54 19.62 0.04
CA LEU A 127 6.35 21.03 0.39
C LEU A 127 4.87 21.34 0.64
N TYR A 128 4.00 20.88 -0.27
CA TYR A 128 2.61 21.36 -0.31
C TYR A 128 1.57 20.39 0.31
N ARG A 129 1.81 19.08 0.21
CA ARG A 129 1.08 18.05 1.02
C ARG A 129 1.69 17.78 2.38
N GLY A 130 3.01 17.87 2.55
CA GLY A 130 3.64 17.61 3.85
C GLY A 130 3.85 18.87 4.67
N ASN A 131 3.43 20.00 4.12
CA ASN A 131 3.50 21.32 4.81
C ASN A 131 4.92 21.74 5.18
N VAL A 132 5.88 21.34 4.35
CA VAL A 132 7.24 21.76 4.59
C VAL A 132 7.36 23.20 4.06
N TYR A 133 6.49 23.62 3.12
CA TYR A 133 6.45 25.05 2.71
C TYR A 133 6.52 25.99 3.97
N GLU A 134 5.97 25.56 5.10
CA GLU A 134 5.89 26.41 6.28
C GLU A 134 7.24 26.67 6.86
N LYS A 135 8.21 25.81 6.59
CA LYS A 135 9.52 25.92 7.27
C LYS A 135 10.51 26.82 6.51
N LEU A 136 10.11 27.27 5.32
CA LEU A 136 10.93 27.94 4.33
C LEU A 136 10.26 29.20 3.76
N THR A 137 11.00 30.05 3.05
CA THR A 137 10.42 31.18 2.31
C THR A 137 9.92 30.67 0.93
N GLU A 138 9.14 31.49 0.23
CA GLU A 138 8.77 31.16 -1.15
C GLU A 138 9.94 31.06 -2.10
N LEU A 139 10.91 31.96 -1.96
CA LEU A 139 12.12 31.92 -2.76
C LEU A 139 12.81 30.59 -2.56
N GLU A 140 12.94 30.18 -1.31
CA GLU A 140 13.51 28.88 -0.99
C GLU A 140 12.73 27.68 -1.58
N CYS A 141 11.38 27.68 -1.51
CA CYS A 141 10.57 26.66 -2.19
C CYS A 141 10.76 26.69 -3.71
N PHE A 142 10.82 27.91 -4.27
CA PHE A 142 11.10 28.09 -5.71
C PHE A 142 12.47 27.53 -6.09
N VAL A 143 13.50 27.84 -5.27
CA VAL A 143 14.85 27.34 -5.56
C VAL A 143 14.91 25.83 -5.55
N LEU A 144 14.29 25.22 -4.52
CA LEU A 144 14.22 23.74 -4.41
C LEU A 144 13.56 23.05 -5.60
N LEU A 145 12.37 23.49 -5.98
CA LEU A 145 11.71 22.99 -7.22
C LEU A 145 12.62 23.08 -8.46
N ILE A 146 13.39 24.17 -8.57
CA ILE A 146 14.35 24.35 -9.67
C ILE A 146 15.56 23.44 -9.58
N THR A 147 16.04 23.29 -8.36
CA THR A 147 17.27 22.57 -8.08
C THR A 147 17.09 21.10 -8.33
N ALA A 148 15.89 20.60 -8.07
CA ALA A 148 15.57 19.19 -8.39
C ALA A 148 15.93 18.87 -9.85
N LEU A 149 15.59 19.81 -10.74
CA LEU A 149 15.80 19.62 -12.18
C LEU A 149 17.27 19.67 -12.62
N VAL A 150 18.12 20.45 -11.92
CA VAL A 150 19.56 20.52 -12.28
C VAL A 150 20.46 19.53 -11.53
N HIS A 151 19.92 18.89 -10.51
CA HIS A 151 20.64 18.06 -9.58
C HIS A 151 21.49 16.89 -10.04
N ASP A 152 21.27 16.40 -11.23
CA ASP A 152 22.05 15.30 -11.72
C ASP A 152 22.42 15.58 -13.20
N LEU A 153 22.51 16.85 -13.60
CA LEU A 153 22.86 17.18 -14.99
C LEU A 153 24.07 16.40 -15.47
N ASP A 154 23.94 15.85 -16.68
CA ASP A 154 24.92 15.06 -17.41
C ASP A 154 25.46 13.88 -16.63
N HIS A 155 24.58 13.19 -15.91
CA HIS A 155 24.98 12.00 -15.15
C HIS A 155 25.12 10.91 -16.20
N MET A 156 26.08 10.01 -15.99
CA MET A 156 26.57 9.13 -17.06
C MET A 156 26.45 7.68 -16.61
N GLY A 157 25.46 7.38 -15.76
CA GLY A 157 25.31 6.02 -15.18
C GLY A 157 26.32 5.53 -14.15
N LEU A 158 27.31 6.36 -13.83
CA LEU A 158 28.45 5.89 -13.05
C LEU A 158 28.57 6.73 -11.82
N ASN A 159 28.82 6.06 -10.70
CA ASN A 159 28.88 6.72 -9.41
C ASN A 159 30.27 7.43 -9.25
N ASN A 160 30.44 8.22 -8.21
CA ASN A 160 31.68 8.94 -8.00
C ASN A 160 32.82 8.00 -7.86
N SER A 161 32.60 6.89 -7.20
CA SER A 161 33.64 5.91 -6.97
C SER A 161 34.34 5.45 -8.22
N PHE A 162 33.58 5.19 -9.25
CA PHE A 162 34.11 4.75 -10.50
C PHE A 162 35.16 5.72 -11.05
N TYR A 163 34.87 7.01 -11.00
CA TYR A 163 35.77 8.02 -11.54
C TYR A 163 37.10 8.09 -10.81
N LEU A 164 37.08 7.83 -9.51
CA LEU A 164 38.25 7.83 -8.69
C LEU A 164 39.06 6.54 -8.88
N LYS A 165 38.40 5.39 -8.88
CA LYS A 165 39.08 4.09 -9.10
C LYS A 165 39.65 3.90 -10.50
N THR A 166 38.93 4.33 -11.55
CA THR A 166 39.52 4.30 -12.88
C THR A 166 40.55 5.42 -13.15
N GLU A 167 40.91 6.22 -12.14
CA GLU A 167 41.67 7.48 -12.33
C GLU A 167 41.27 8.23 -13.58
N SER A 168 39.96 8.36 -13.75
CA SER A 168 39.33 9.06 -14.86
C SER A 168 39.67 10.55 -14.84
N PRO A 169 39.64 11.24 -16.00
CA PRO A 169 39.99 12.67 -15.99
C PRO A 169 39.16 13.53 -15.04
N LEU A 170 37.85 13.30 -14.94
CA LEU A 170 37.01 14.00 -13.94
C LEU A 170 37.37 13.65 -12.50
N GLY A 171 37.79 12.41 -12.24
CA GLY A 171 38.28 12.06 -10.91
C GLY A 171 39.61 12.71 -10.57
N ILE A 172 40.45 12.89 -11.60
CA ILE A 172 41.75 13.57 -11.44
C ILE A 172 41.52 15.05 -11.13
N LEU A 173 40.65 15.68 -11.90
CA LEU A 173 40.30 17.08 -11.64
C LEU A 173 39.77 17.30 -10.24
N SER A 174 38.84 16.46 -9.80
CA SER A 174 38.30 16.50 -8.45
C SER A 174 39.36 16.27 -7.41
N SER A 175 40.15 15.23 -7.60
CA SER A 175 41.19 14.91 -6.65
C SER A 175 42.18 16.12 -6.58
N ALA A 176 42.71 16.56 -7.72
CA ALA A 176 43.64 17.73 -7.76
C ALA A 176 43.05 19.00 -7.17
N SER A 177 41.78 19.24 -7.50
CA SER A 177 41.03 20.45 -7.11
C SER A 177 40.55 20.50 -5.65
N GLY A 178 40.70 19.41 -4.89
CA GLY A 178 40.33 19.32 -3.47
C GLY A 178 38.89 18.98 -3.08
N ASN A 179 38.08 18.43 -4.01
CA ASN A 179 36.65 18.10 -3.77
C ASN A 179 36.27 16.69 -4.26
N THR A 180 36.13 15.75 -3.32
CA THR A 180 35.80 14.36 -3.62
C THR A 180 34.42 14.10 -4.33
N SER A 181 33.53 15.10 -4.31
CA SER A 181 32.20 14.99 -4.90
C SER A 181 32.22 15.22 -6.41
N VAL A 182 32.80 14.24 -7.12
CA VAL A 182 33.07 14.38 -8.54
C VAL A 182 31.88 14.85 -9.36
N LEU A 183 30.77 14.11 -9.28
CA LEU A 183 29.57 14.43 -10.08
C LEU A 183 28.86 15.68 -9.62
N GLU A 184 28.80 15.86 -8.33
CA GLU A 184 27.98 16.95 -7.78
C GLU A 184 28.53 18.28 -8.22
N VAL A 185 29.86 18.40 -8.25
CA VAL A 185 30.55 19.62 -8.72
C VAL A 185 30.26 19.75 -10.23
N HIS A 186 30.38 18.64 -10.95
CA HIS A 186 30.02 18.64 -12.38
C HIS A 186 28.62 19.20 -12.60
N HIS A 187 27.62 18.71 -11.84
CA HIS A 187 26.22 19.13 -12.07
C HIS A 187 26.06 20.62 -11.79
N CYS A 188 26.74 21.08 -10.75
CA CYS A 188 26.70 22.52 -10.41
C CYS A 188 27.28 23.36 -11.54
N ASN A 189 28.40 22.91 -12.10
CA ASN A 189 29.06 23.58 -13.24
C ASN A 189 28.07 23.75 -14.40
N LEU A 190 27.38 22.65 -14.74
CA LEU A 190 26.41 22.71 -15.87
C LEU A 190 25.22 23.54 -15.56
N ALA A 191 24.78 23.46 -14.30
CA ALA A 191 23.64 24.27 -13.86
C ALA A 191 23.94 25.75 -13.98
N VAL A 192 25.13 26.15 -13.59
CA VAL A 192 25.51 27.55 -13.66
C VAL A 192 25.53 28.00 -15.09
N GLU A 193 25.99 27.13 -15.96
CA GLU A 193 26.04 27.39 -17.37
C GLU A 193 24.67 27.79 -17.87
N ILE A 194 23.71 26.91 -17.66
CA ILE A 194 22.35 27.16 -18.10
C ILE A 194 21.79 28.47 -17.62
N LEU A 195 22.16 28.90 -16.44
CA LEU A 195 21.59 30.14 -15.91
C LEU A 195 22.35 31.44 -16.29
N SER A 196 23.53 31.36 -16.90
CA SER A 196 24.21 32.60 -17.35
C SER A 196 23.49 33.29 -18.54
N ASP A 197 22.84 32.44 -19.37
CA ASP A 197 22.00 32.81 -20.51
C ASP A 197 20.65 33.28 -20.01
N PRO A 198 20.30 34.58 -20.21
CA PRO A 198 19.08 35.11 -19.52
C PRO A 198 17.72 34.71 -20.13
N GLU A 199 17.70 34.14 -21.33
CA GLU A 199 16.49 33.55 -21.91
C GLU A 199 16.17 32.18 -21.27
N SER A 200 17.19 31.48 -20.72
CA SER A 200 16.99 30.33 -19.82
C SER A 200 17.37 30.51 -18.29
N ASP A 201 17.39 31.74 -17.79
CA ASP A 201 17.78 32.05 -16.40
C ASP A 201 16.56 32.29 -15.55
N VAL A 202 16.14 31.26 -14.82
CA VAL A 202 14.93 31.43 -14.00
C VAL A 202 15.09 32.34 -12.77
N PHE A 203 16.32 32.79 -12.46
CA PHE A 203 16.57 33.76 -11.36
C PHE A 203 16.82 35.20 -11.81
N ASP A 204 16.64 35.48 -13.11
CA ASP A 204 16.96 36.79 -13.70
C ASP A 204 16.25 37.92 -13.04
N GLY A 205 15.08 37.65 -12.49
CA GLY A 205 14.31 38.65 -11.73
C GLY A 205 14.75 38.85 -10.30
N LEU A 206 15.75 38.10 -9.84
CA LEU A 206 16.25 38.32 -8.51
C LEU A 206 17.36 39.35 -8.59
N GLU A 207 17.57 40.07 -7.50
CA GLU A 207 18.62 41.04 -7.39
C GLU A 207 19.36 40.90 -6.02
N GLY A 208 20.63 41.26 -5.99
CA GLY A 208 21.34 41.45 -4.75
C GLY A 208 21.31 40.19 -3.92
N ALA A 209 20.97 40.36 -2.64
CA ALA A 209 20.94 39.25 -1.67
C ALA A 209 20.06 38.05 -2.08
N GLU A 210 18.95 38.28 -2.79
CA GLU A 210 18.05 37.19 -3.18
C GLU A 210 18.64 36.35 -4.25
N ARG A 211 19.31 37.00 -5.19
CA ARG A 211 19.95 36.31 -6.28
C ARG A 211 21.11 35.52 -5.76
N THR A 212 21.81 36.05 -4.79
CA THR A 212 22.95 35.37 -4.23
C THR A 212 22.49 34.14 -3.49
N LEU A 213 21.46 34.29 -2.69
CA LEU A 213 20.93 33.19 -1.95
C LEU A 213 20.45 32.08 -2.87
N ALA A 214 19.78 32.42 -3.95
CA ALA A 214 19.30 31.42 -4.87
C ALA A 214 20.41 30.55 -5.40
N PHE A 215 21.49 31.15 -5.83
CA PHE A 215 22.61 30.39 -6.34
C PHE A 215 23.31 29.65 -5.23
N ARG A 216 23.52 30.31 -4.12
CA ARG A 216 24.19 29.70 -3.00
C ARG A 216 23.49 28.44 -2.54
N SER A 217 22.21 28.55 -2.26
CA SER A 217 21.48 27.41 -1.80
C SER A 217 21.30 26.33 -2.84
N MET A 218 21.16 26.71 -4.10
CA MET A 218 21.03 25.71 -5.12
C MET A 218 22.27 24.86 -5.18
N ILE A 219 23.42 25.47 -5.13
CA ILE A 219 24.67 24.76 -5.19
C ILE A 219 24.88 23.91 -3.95
N ASP A 220 24.58 24.49 -2.80
CA ASP A 220 24.71 23.81 -1.53
C ASP A 220 23.85 22.57 -1.47
N CYS A 221 22.64 22.65 -1.99
CA CYS A 221 21.74 21.54 -2.01
C CYS A 221 22.26 20.42 -2.87
N VAL A 222 22.70 20.76 -4.07
CA VAL A 222 23.22 19.77 -5.02
C VAL A 222 24.45 19.05 -4.45
N LEU A 223 25.40 19.82 -3.95
CA LEU A 223 26.57 19.22 -3.26
C LEU A 223 26.17 18.29 -2.15
N ALA A 224 25.07 18.58 -1.46
CA ALA A 224 24.61 17.72 -0.36
C ALA A 224 23.94 16.40 -0.80
N THR A 225 23.67 16.24 -2.09
CA THR A 225 23.16 14.97 -2.58
C THR A 225 24.19 13.87 -2.71
N ASP A 226 25.46 14.15 -2.36
CA ASP A 226 26.52 13.13 -2.39
C ASP A 226 26.33 12.21 -1.20
N MET A 227 25.96 10.96 -1.44
CA MET A 227 25.64 10.06 -0.32
C MET A 227 26.78 9.75 0.70
N ALA A 228 28.01 10.06 0.30
CA ALA A 228 29.19 10.07 1.18
C ALA A 228 29.01 10.99 2.36
N LYS A 229 28.23 12.07 2.15
CA LYS A 229 27.94 13.08 3.18
C LYS A 229 26.62 12.87 3.96
N HIS A 230 25.95 11.73 3.73
CA HIS A 230 24.56 11.47 4.20
C HIS A 230 24.41 11.54 5.72
N GLY A 231 25.23 10.76 6.44
CA GLY A 231 25.33 10.81 7.86
C GLY A 231 25.54 12.23 8.33
N SER A 232 26.60 12.88 7.87
CA SER A 232 26.96 14.19 8.43
C SER A 232 25.84 15.24 8.19
N ALA A 233 25.17 15.18 7.04
CA ALA A 233 24.08 16.10 6.74
C ALA A 233 22.82 15.79 7.55
N LEU A 234 22.49 14.51 7.75
CA LEU A 234 21.37 14.15 8.63
C LEU A 234 21.63 14.56 10.09
N GLU A 235 22.80 14.22 10.66
CA GLU A 235 23.12 14.62 12.05
C GLU A 235 23.14 16.14 12.24
N ALA A 236 23.51 16.91 11.21
CA ALA A 236 23.56 18.37 11.32
C ALA A 236 22.18 19.04 11.21
N PHE A 237 21.34 18.50 10.35
CA PHE A 237 19.96 18.96 10.30
C PHE A 237 19.24 18.65 11.61
N LEU A 238 19.35 17.44 12.13
CA LEU A 238 18.70 17.08 13.44
C LEU A 238 19.18 17.93 14.64
N ALA A 239 20.48 18.14 14.76
CA ALA A 239 21.03 18.98 15.84
C ALA A 239 20.53 20.42 15.72
N SER A 240 20.42 20.96 14.50
CA SER A 240 19.78 22.25 14.28
C SER A 240 18.28 22.25 14.68
N ALA A 241 17.55 21.22 14.26
CA ALA A 241 16.11 21.09 14.54
C ALA A 241 15.79 20.98 16.03
N ALA A 242 16.66 20.32 16.78
CA ALA A 242 16.48 20.20 18.22
C ALA A 242 16.96 21.44 19.00
N ASP A 243 17.58 22.42 18.34
CA ASP A 243 18.13 23.60 19.05
C ASP A 243 17.28 24.83 18.71
N GLN A 244 16.54 25.34 19.68
CA GLN A 244 15.71 26.55 19.48
C GLN A 244 16.51 27.79 19.18
N SER A 245 17.80 27.78 19.52
CA SER A 245 18.69 28.91 19.20
C SER A 245 19.51 28.70 17.94
N SER A 246 19.22 27.64 17.19
CA SER A 246 19.95 27.45 15.95
C SER A 246 19.87 28.73 15.14
N ASP A 247 20.97 29.09 14.50
CA ASP A 247 20.93 30.19 13.54
C ASP A 247 19.83 29.93 12.52
N GLU A 248 18.95 30.89 12.32
CA GLU A 248 17.79 30.69 11.46
C GLU A 248 18.13 30.46 9.97
N ALA A 249 19.10 31.19 9.45
CA ALA A 249 19.51 31.07 8.04
C ALA A 249 20.14 29.70 7.82
N ALA A 250 20.93 29.24 8.79
CA ALA A 250 21.54 27.93 8.69
C ALA A 250 20.50 26.78 8.75
N PHE A 251 19.39 26.98 9.48
CA PHE A 251 18.33 25.97 9.56
C PHE A 251 17.54 25.87 8.23
N HIS A 252 17.26 27.01 7.64
CA HIS A 252 16.57 27.05 6.38
C HIS A 252 17.38 26.33 5.35
N ARG A 253 18.66 26.56 5.39
CA ARG A 253 19.57 25.95 4.46
C ARG A 253 19.64 24.45 4.63
N MET A 254 19.74 23.98 5.86
CA MET A 254 19.83 22.57 6.10
C MET A 254 18.53 21.87 5.78
N THR A 255 17.45 22.59 5.94
CA THR A 255 16.16 22.05 5.61
C THR A 255 16.06 21.86 4.11
N MET A 256 16.50 22.86 3.33
CA MET A 256 16.53 22.72 1.84
C MET A 256 17.42 21.56 1.45
N GLU A 257 18.57 21.44 2.10
CA GLU A 257 19.45 20.32 1.83
C GLU A 257 18.77 19.00 2.18
N ILE A 258 18.08 18.94 3.32
CA ILE A 258 17.42 17.70 3.71
C ILE A 258 16.29 17.35 2.75
N ILE A 259 15.49 18.33 2.32
CA ILE A 259 14.40 18.10 1.38
C ILE A 259 14.88 17.63 0.00
N LEU A 260 15.94 18.25 -0.56
CA LEU A 260 16.52 17.72 -1.78
C LEU A 260 17.01 16.33 -1.55
N LYS A 261 17.71 16.07 -0.46
CA LYS A 261 18.11 14.70 -0.18
C LYS A 261 16.93 13.74 -0.07
N ALA A 262 15.84 14.17 0.54
CA ALA A 262 14.65 13.37 0.67
C ALA A 262 14.08 13.00 -0.70
N GLY A 263 13.97 13.96 -1.61
CA GLY A 263 13.47 13.69 -2.95
C GLY A 263 14.28 12.61 -3.63
N ASP A 264 15.59 12.67 -3.43
CA ASP A 264 16.51 11.71 -4.04
C ASP A 264 16.27 10.28 -3.61
N ILE A 265 16.06 10.07 -2.31
CA ILE A 265 15.83 8.72 -1.81
C ILE A 265 14.34 8.42 -1.53
N SER A 266 13.48 9.10 -2.27
CA SER A 266 12.04 9.04 -2.10
C SER A 266 11.40 7.86 -2.90
N ASN A 267 12.19 7.08 -3.63
CA ASN A 267 11.62 5.99 -4.40
C ASN A 267 10.91 4.95 -3.54
N VAL A 268 11.44 4.65 -2.36
CA VAL A 268 10.81 3.71 -1.43
C VAL A 268 9.59 4.24 -0.64
N THR A 269 9.25 5.51 -0.84
CA THR A 269 8.09 6.14 -0.24
C THR A 269 6.92 6.16 -1.20
N LYS A 270 7.09 5.62 -2.41
CA LYS A 270 5.99 5.59 -3.38
C LYS A 270 5.16 4.33 -3.27
N PRO A 271 3.97 4.35 -3.91
CA PRO A 271 3.22 3.11 -4.12
C PRO A 271 4.14 1.99 -4.60
N PHE A 272 4.11 0.86 -3.93
CA PHE A 272 4.92 -0.32 -4.28
C PHE A 272 5.22 -0.50 -5.76
N ASP A 273 4.20 -0.52 -6.62
CA ASP A 273 4.49 -0.76 -8.05
C ASP A 273 5.41 0.29 -8.65
N ILE A 274 5.29 1.54 -8.20
CA ILE A 274 6.15 2.62 -8.69
C ILE A 274 7.56 2.46 -8.11
N SER A 275 7.60 2.15 -6.83
CA SER A 275 8.82 1.88 -6.15
C SER A 275 9.62 0.78 -6.84
N ARG A 276 8.94 -0.32 -7.17
CA ARG A 276 9.57 -1.50 -7.74
C ARG A 276 10.24 -1.15 -9.07
N GLN A 277 9.54 -0.40 -9.91
CA GLN A 277 10.08 0.03 -11.20
C GLN A 277 11.33 0.99 -11.13
N TRP A 278 11.33 1.86 -10.11
CA TRP A 278 12.52 2.62 -9.78
C TRP A 278 13.70 1.69 -9.45
N ALA A 279 13.41 0.67 -8.65
CA ALA A 279 14.44 -0.27 -8.24
C ALA A 279 14.93 -1.14 -9.43
N MET A 280 14.06 -1.40 -10.40
CA MET A 280 14.50 -2.09 -11.60
C MET A 280 15.51 -1.21 -12.35
N ALA A 281 15.18 0.08 -12.50
CA ALA A 281 16.03 1.01 -13.21
C ALA A 281 17.41 1.14 -12.51
N VAL A 282 17.47 1.46 -11.23
CA VAL A 282 18.79 1.54 -10.57
C VAL A 282 19.58 0.25 -10.63
N THR A 283 18.91 -0.89 -10.51
CA THR A 283 19.61 -2.17 -10.46
C THR A 283 20.24 -2.42 -11.81
N GLU A 284 19.58 -2.03 -12.90
CA GLU A 284 20.19 -2.12 -14.17
C GLU A 284 21.38 -1.19 -14.26
N GLU A 285 21.21 0.06 -13.83
CA GLU A 285 22.28 1.05 -13.96
C GLU A 285 23.52 0.63 -13.20
N PHE A 286 23.36 0.08 -12.00
CA PHE A 286 24.49 -0.37 -11.19
C PHE A 286 25.21 -1.52 -11.87
N TYR A 287 24.42 -2.44 -12.43
CA TYR A 287 24.94 -3.62 -13.13
C TYR A 287 25.89 -3.22 -14.23
N ARG A 288 25.48 -2.26 -15.05
CA ARG A 288 26.30 -1.73 -16.13
C ARG A 288 27.60 -1.06 -15.67
N GLN A 289 27.58 -0.32 -14.56
CA GLN A 289 28.82 0.25 -14.04
C GLN A 289 29.71 -0.95 -13.72
N GLY A 290 29.20 -1.90 -12.93
CA GLY A 290 29.92 -3.15 -12.61
C GLY A 290 30.43 -3.97 -13.80
N ASP A 291 29.75 -3.90 -14.95
CA ASP A 291 30.25 -4.49 -16.19
C ASP A 291 31.51 -3.74 -16.58
N MET A 292 31.42 -2.42 -16.72
CA MET A 292 32.58 -1.54 -16.94
C MET A 292 33.71 -1.66 -15.91
N GLU A 293 33.40 -1.89 -14.63
CA GLU A 293 34.44 -2.08 -13.59
C GLU A 293 35.19 -3.43 -13.78
N LYS A 294 34.52 -4.43 -14.38
CA LYS A 294 35.16 -5.71 -14.73
C LYS A 294 36.16 -5.53 -15.89
N GLU A 295 35.68 -5.03 -17.04
CA GLU A 295 36.53 -4.60 -18.17
C GLU A 295 37.79 -3.81 -17.70
N ARG A 296 37.63 -2.57 -17.25
CA ARG A 296 38.73 -1.76 -16.67
C ARG A 296 39.67 -2.50 -15.73
N GLY A 297 39.16 -3.54 -15.06
CA GLY A 297 39.97 -4.35 -14.17
C GLY A 297 39.95 -3.88 -12.74
N VAL A 298 39.16 -2.85 -12.46
CA VAL A 298 39.02 -2.29 -11.09
C VAL A 298 38.05 -3.08 -10.20
N GLU A 299 38.07 -2.77 -8.89
CA GLU A 299 37.24 -3.45 -7.87
C GLU A 299 35.71 -3.35 -8.11
N VAL A 300 35.00 -4.47 -8.04
CA VAL A 300 33.55 -4.52 -8.27
C VAL A 300 32.86 -4.94 -6.96
N LEU A 301 31.97 -4.09 -6.46
CA LEU A 301 31.24 -4.38 -5.21
C LEU A 301 30.17 -5.46 -5.51
N PRO A 302 29.67 -6.13 -4.45
CA PRO A 302 28.63 -7.14 -4.70
C PRO A 302 27.42 -6.57 -5.46
N MET A 303 26.89 -5.47 -4.95
CA MET A 303 25.71 -4.79 -5.53
C MET A 303 25.78 -4.48 -7.04
N PHE A 304 26.99 -4.28 -7.58
CA PHE A 304 27.19 -3.87 -9.00
C PHE A 304 27.40 -5.05 -9.96
N ASP A 305 27.28 -6.26 -9.40
CA ASP A 305 27.66 -7.50 -10.08
C ASP A 305 26.44 -8.35 -10.56
N ARG A 306 26.18 -8.31 -11.87
CA ARG A 306 25.22 -9.19 -12.54
C ARG A 306 25.39 -10.68 -12.23
N SER A 307 26.63 -11.12 -11.99
CA SER A 307 26.95 -12.52 -11.63
C SER A 307 26.10 -13.14 -10.53
N LYS A 308 25.62 -12.34 -9.58
CA LYS A 308 24.61 -12.78 -8.61
C LYS A 308 23.27 -12.28 -9.18
N ASN A 309 22.23 -13.11 -9.15
CA ASN A 309 20.91 -12.62 -9.55
C ASN A 309 20.53 -11.46 -8.64
N MET A 310 20.95 -11.55 -7.36
CA MET A 310 20.82 -10.46 -6.38
C MET A 310 19.35 -10.10 -6.26
N GLU A 311 18.67 -10.80 -5.35
CA GLU A 311 17.22 -10.63 -5.08
C GLU A 311 16.82 -9.13 -4.82
N LEU A 312 16.13 -8.53 -5.78
CA LEU A 312 15.52 -7.19 -5.62
C LEU A 312 14.94 -6.97 -4.21
N ALA A 313 14.06 -7.87 -3.78
CA ALA A 313 13.52 -7.88 -2.40
C ALA A 313 14.51 -7.57 -1.27
N LYS A 314 15.59 -8.35 -1.18
CA LYS A 314 16.59 -8.18 -0.11
C LYS A 314 17.38 -6.87 -0.27
N GLY A 315 17.64 -6.46 -1.52
CA GLY A 315 18.26 -5.16 -1.81
C GLY A 315 17.43 -4.02 -1.25
N GLN A 316 16.18 -3.94 -1.68
CA GLN A 316 15.25 -2.93 -1.19
C GLN A 316 15.03 -3.03 0.31
N ILE A 317 14.99 -4.22 0.88
CA ILE A 317 14.82 -4.32 2.35
C ILE A 317 15.99 -3.70 3.12
N GLY A 318 17.20 -3.90 2.59
CA GLY A 318 18.40 -3.38 3.19
C GLY A 318 18.48 -1.87 3.01
N PHE A 319 18.09 -1.40 1.84
CA PHE A 319 18.05 0.02 1.57
C PHE A 319 17.08 0.77 2.48
N ILE A 320 15.96 0.12 2.74
CA ILE A 320 14.97 0.59 3.69
C ILE A 320 15.49 0.56 5.11
N ASP A 321 16.13 -0.52 5.54
CA ASP A 321 16.54 -0.62 6.96
C ASP A 321 17.74 0.26 7.32
N PHE A 322 18.66 0.44 6.39
CA PHE A 322 19.93 1.10 6.71
C PHE A 322 19.99 2.53 6.25
N VAL A 323 19.36 2.85 5.12
CA VAL A 323 19.37 4.24 4.66
C VAL A 323 18.05 4.95 4.88
N ALA A 324 16.99 4.51 4.20
CA ALA A 324 15.74 5.29 4.06
C ALA A 324 14.77 5.32 5.25
N ALA A 325 14.52 4.20 5.93
CA ALA A 325 13.56 4.23 7.04
C ALA A 325 14.09 5.09 8.17
N PRO A 326 15.37 4.92 8.55
CA PRO A 326 15.91 5.76 9.64
C PRO A 326 15.92 7.23 9.26
N PHE A 327 16.21 7.53 7.99
CA PHE A 327 16.26 8.89 7.54
C PHE A 327 14.93 9.59 7.63
N PHE A 328 13.92 9.02 7.01
CA PHE A 328 12.59 9.62 7.03
C PHE A 328 11.99 9.64 8.43
N GLN A 329 12.17 8.58 9.19
CA GLN A 329 11.58 8.55 10.53
C GLN A 329 12.17 9.69 11.36
N LYS A 330 13.49 9.88 11.28
CA LYS A 330 14.20 10.86 12.07
C LYS A 330 13.88 12.34 11.76
N ILE A 331 13.70 12.66 10.49
CA ILE A 331 13.39 14.03 10.10
C ILE A 331 11.90 14.36 10.30
N VAL A 332 11.05 13.35 10.12
CA VAL A 332 9.65 13.48 10.48
C VAL A 332 9.47 13.79 11.97
N ASP A 333 10.23 13.12 12.84
CA ASP A 333 10.07 13.24 14.31
C ASP A 333 10.65 14.53 14.80
N ALA A 334 11.87 14.82 14.39
CA ALA A 334 12.56 16.07 14.68
C ALA A 334 11.76 17.32 14.37
N CYS A 335 10.94 17.29 13.35
CA CYS A 335 10.62 18.52 12.68
C CYS A 335 9.51 18.44 11.63
N LEU A 336 9.53 17.41 10.78
CA LEU A 336 8.73 17.42 9.55
C LEU A 336 7.53 16.50 9.71
N GLN A 337 6.69 16.84 10.69
CA GLN A 337 5.55 16.00 11.04
C GLN A 337 4.55 15.79 9.89
N GLY A 338 4.43 16.75 8.96
CA GLY A 338 3.51 16.60 7.84
C GLY A 338 3.83 15.46 6.89
N MET A 339 5.02 14.89 6.96
CA MET A 339 5.50 13.93 5.96
C MET A 339 5.38 12.51 6.48
N GLN A 340 4.61 12.31 7.55
CA GLN A 340 4.44 11.00 8.19
C GLN A 340 4.09 9.88 7.16
N TRP A 341 3.32 10.20 6.16
CA TRP A 341 3.03 9.23 5.13
C TRP A 341 4.25 8.57 4.46
N THR A 342 5.39 9.23 4.44
CA THR A 342 6.58 8.62 3.85
C THR A 342 7.03 7.47 4.73
N VAL A 343 7.07 7.70 6.05
CA VAL A 343 7.35 6.64 7.01
C VAL A 343 6.35 5.49 6.93
N ASP A 344 5.08 5.80 6.66
CA ASP A 344 4.05 4.74 6.59
C ASP A 344 4.19 3.89 5.31
N ARG A 345 4.42 4.52 4.17
CA ARG A 345 4.60 3.81 2.89
C ARG A 345 5.89 2.98 2.86
N ILE A 346 6.94 3.44 3.52
CA ILE A 346 8.20 2.70 3.61
C ILE A 346 7.87 1.46 4.39
N LYS A 347 7.27 1.66 5.54
CA LYS A 347 6.84 0.57 6.41
C LYS A 347 6.00 -0.46 5.65
N SER A 348 5.09 -0.02 4.80
CA SER A 348 4.27 -0.98 4.07
C SER A 348 4.96 -1.52 2.80
N ASN A 349 5.86 -0.75 2.19
CA ASN A 349 6.61 -1.26 1.05
C ASN A 349 7.56 -2.36 1.56
N ARG A 350 8.18 -2.14 2.70
CA ARG A 350 8.98 -3.15 3.35
C ARG A 350 8.18 -4.47 3.56
N ALA A 351 6.99 -4.37 4.16
CA ALA A 351 6.17 -5.56 4.46
C ALA A 351 5.76 -6.34 3.20
N GLN A 352 5.56 -5.64 2.10
CA GLN A 352 5.30 -6.24 0.82
C GLN A 352 6.52 -7.01 0.24
N TRP A 353 7.74 -6.54 0.54
CA TRP A 353 8.96 -7.24 0.08
C TRP A 353 9.16 -8.49 0.94
N GLU A 354 8.92 -8.39 2.25
CA GLU A 354 8.88 -9.54 3.16
C GLU A 354 7.86 -10.61 2.76
N ARG A 355 6.74 -10.21 2.15
CA ARG A 355 5.75 -11.18 1.66
C ARG A 355 6.11 -11.79 0.28
N VAL A 356 6.93 -11.09 -0.50
CA VAL A 356 7.57 -11.70 -1.68
C VAL A 356 8.59 -12.76 -1.21
N LEU A 357 9.28 -12.49 -0.09
CA LEU A 357 10.19 -13.48 0.49
C LEU A 357 9.48 -14.68 1.07
N GLU A 358 8.44 -14.43 1.82
CA GLU A 358 7.76 -15.48 2.56
C GLU A 358 7.04 -16.50 1.66
N THR A 359 6.72 -16.08 0.43
CA THR A 359 5.98 -16.89 -0.53
C THR A 359 6.83 -17.46 -1.67
N ARG A 360 8.13 -17.16 -1.69
CA ARG A 360 8.98 -17.55 -2.83
C ARG A 360 9.07 -19.08 -3.05
N VAL B 28 1.83 -22.28 21.08
CA VAL B 28 0.63 -21.48 21.34
C VAL B 28 0.78 -20.80 22.70
N THR B 29 1.58 -19.75 22.76
CA THR B 29 1.81 -19.03 23.99
C THR B 29 0.48 -18.54 24.51
N ALA B 30 0.25 -18.74 25.80
CA ALA B 30 -1.01 -18.39 26.41
C ALA B 30 -1.41 -16.92 26.38
N ILE B 31 -2.69 -16.68 26.59
CA ILE B 31 -3.20 -15.31 26.54
C ILE B 31 -3.06 -14.75 27.93
N THR B 32 -2.27 -13.70 28.10
CA THR B 32 -2.05 -13.12 29.44
C THR B 32 -3.28 -12.36 29.94
N LYS B 33 -3.42 -12.27 31.26
CA LYS B 33 -4.52 -11.50 31.90
C LYS B 33 -4.49 -10.01 31.53
N VAL B 34 -3.29 -9.49 31.27
CA VAL B 34 -3.11 -8.09 30.85
C VAL B 34 -3.82 -7.79 29.50
N GLU B 35 -3.74 -8.75 28.57
CA GLU B 35 -4.39 -8.65 27.25
C GLU B 35 -5.91 -8.81 27.35
N ARG B 36 -6.37 -9.64 28.29
CA ARG B 36 -7.79 -9.72 28.60
C ARG B 36 -8.37 -8.40 29.10
N GLU B 37 -7.68 -7.79 30.07
CA GLU B 37 -8.11 -6.50 30.66
C GLU B 37 -8.27 -5.44 29.55
N ALA B 38 -7.26 -5.35 28.69
CA ALA B 38 -7.27 -4.47 27.50
C ALA B 38 -8.55 -4.50 26.66
N VAL B 39 -9.29 -5.62 26.71
CA VAL B 39 -10.53 -5.81 25.94
C VAL B 39 -11.72 -5.46 26.79
N LEU B 40 -11.83 -6.12 27.95
CA LEU B 40 -12.99 -5.95 28.88
C LEU B 40 -13.35 -4.49 29.20
N VAL B 41 -12.34 -3.60 29.23
CA VAL B 41 -12.53 -2.17 29.55
C VAL B 41 -13.35 -1.39 28.51
N CYS B 42 -13.27 -1.74 27.22
CA CYS B 42 -14.13 -1.10 26.22
C CYS B 42 -15.58 -1.39 26.59
N GLU B 43 -16.42 -0.37 26.49
CA GLU B 43 -17.80 -0.55 26.86
C GLU B 43 -18.78 -0.43 25.72
N LEU B 44 -18.27 -0.14 24.52
CA LEU B 44 -19.10 -0.03 23.31
C LEU B 44 -20.36 0.74 23.56
N PRO B 45 -20.24 1.79 24.34
CA PRO B 45 -21.35 2.65 24.75
C PRO B 45 -22.26 3.05 23.62
N SER B 46 -21.68 3.56 22.55
CA SER B 46 -22.49 4.07 21.47
C SER B 46 -23.22 3.10 20.55
N PHE B 47 -22.89 1.82 20.57
CA PHE B 47 -23.53 0.94 19.60
C PHE B 47 -24.17 -0.32 20.08
N ASP B 48 -25.04 -0.84 19.24
CA ASP B 48 -25.74 -2.08 19.49
C ASP B 48 -25.21 -3.08 18.49
N VAL B 49 -24.58 -4.14 18.98
CA VAL B 49 -23.95 -5.12 18.11
C VAL B 49 -24.86 -6.09 17.39
N THR B 50 -26.13 -6.11 17.70
CA THR B 50 -27.06 -7.03 17.06
C THR B 50 -27.84 -6.38 15.92
N ASP B 51 -27.58 -5.10 15.63
CA ASP B 51 -28.39 -4.44 14.64
C ASP B 51 -27.81 -4.62 13.24
N VAL B 52 -28.70 -4.77 12.27
CA VAL B 52 -28.33 -4.89 10.87
C VAL B 52 -27.66 -3.67 10.21
N GLU B 53 -27.63 -2.55 10.93
CA GLU B 53 -26.99 -1.33 10.44
C GLU B 53 -25.80 -0.91 11.24
N PHE B 54 -25.39 -1.75 12.18
CA PHE B 54 -24.17 -1.52 12.96
C PHE B 54 -22.96 -1.28 12.03
N ASP B 55 -22.15 -0.26 12.38
CA ASP B 55 -21.05 0.28 11.55
C ASP B 55 -19.73 0.03 12.28
N LEU B 56 -19.06 -1.06 11.87
CA LEU B 56 -17.79 -1.50 12.43
C LEU B 56 -16.67 -0.51 12.13
N PHE B 57 -16.75 0.15 11.00
CA PHE B 57 -15.75 1.13 10.66
C PHE B 57 -15.85 2.27 11.65
N ARG B 58 -17.07 2.56 12.07
CA ARG B 58 -17.29 3.62 13.02
C ARG B 58 -16.79 3.21 14.38
N ALA B 59 -16.86 1.94 14.73
CA ALA B 59 -16.41 1.52 16.04
C ALA B 59 -14.91 1.47 16.09
N ARG B 60 -14.29 1.25 14.96
CA ARG B 60 -12.83 1.18 14.88
C ARG B 60 -12.17 2.52 15.18
N GLU B 61 -12.81 3.58 14.70
CA GLU B 61 -12.36 4.94 14.95
C GLU B 61 -13.18 5.64 16.02
N SER B 62 -13.64 4.83 16.95
CA SER B 62 -14.33 5.29 18.11
C SER B 62 -13.24 5.43 19.18
N THR B 63 -12.24 4.57 19.12
CA THR B 63 -11.12 4.66 20.04
C THR B 63 -9.82 4.58 19.28
N ASP B 64 -8.73 4.49 20.01
CA ASP B 64 -7.43 4.40 19.39
C ASP B 64 -6.90 2.98 19.44
N LYS B 65 -7.75 2.06 19.84
CA LYS B 65 -7.41 0.66 19.91
C LYS B 65 -8.57 -0.07 19.26
N PRO B 66 -8.62 -0.02 17.94
CA PRO B 66 -9.69 -0.64 17.19
C PRO B 66 -9.69 -2.14 17.37
N LEU B 67 -8.52 -2.75 17.43
CA LEU B 67 -8.40 -4.18 17.63
C LEU B 67 -9.04 -4.65 18.92
N ASP B 68 -8.90 -3.86 19.98
CA ASP B 68 -9.47 -4.19 21.25
C ASP B 68 -10.95 -4.02 21.15
N VAL B 69 -11.38 -3.00 20.44
CA VAL B 69 -12.79 -2.78 20.30
C VAL B 69 -13.38 -3.96 19.59
N ALA B 70 -12.79 -4.31 18.47
CA ALA B 70 -13.22 -5.44 17.67
C ALA B 70 -13.29 -6.70 18.49
N ALA B 71 -12.27 -6.99 19.25
CA ALA B 71 -12.29 -8.17 20.08
C ALA B 71 -13.43 -8.09 21.05
N ALA B 72 -13.67 -6.90 21.59
CA ALA B 72 -14.77 -6.70 22.55
C ALA B 72 -16.13 -6.92 21.90
N ILE B 73 -16.28 -6.39 20.68
CA ILE B 73 -17.51 -6.55 19.89
C ILE B 73 -17.84 -8.04 19.70
N ALA B 74 -16.87 -8.84 19.27
CA ALA B 74 -17.05 -10.30 19.13
C ALA B 74 -17.31 -10.98 20.48
N TYR B 75 -16.67 -10.51 21.52
CA TYR B 75 -16.86 -11.08 22.83
C TYR B 75 -18.28 -10.85 23.27
N ARG B 76 -18.76 -9.64 23.10
CA ARG B 76 -20.11 -9.31 23.49
C ARG B 76 -21.14 -10.07 22.70
N LEU B 77 -20.95 -10.17 21.41
CA LEU B 77 -21.90 -10.86 20.57
C LEU B 77 -22.10 -12.31 20.97
N LEU B 78 -21.01 -12.98 21.29
CA LEU B 78 -21.06 -14.37 21.66
C LEU B 78 -21.71 -14.57 23.00
N LEU B 79 -21.41 -13.70 23.94
CA LEU B 79 -21.98 -13.82 25.26
C LEU B 79 -23.43 -13.47 25.24
N GLY B 80 -23.75 -12.36 24.59
CA GLY B 80 -25.12 -11.94 24.48
C GLY B 80 -25.97 -13.07 23.99
N SER B 81 -25.43 -13.84 23.08
CA SER B 81 -26.11 -14.98 22.50
C SER B 81 -26.43 -15.97 23.55
N GLY B 82 -25.62 -15.98 24.59
CA GLY B 82 -25.80 -16.91 25.68
C GLY B 82 -25.72 -18.32 25.18
N LEU B 83 -24.83 -18.58 24.24
CA LEU B 83 -24.68 -19.91 23.71
C LEU B 83 -23.45 -20.55 24.31
N PRO B 84 -22.39 -19.68 24.51
CA PRO B 84 -21.20 -20.31 25.08
C PRO B 84 -21.49 -20.99 26.40
N GLN B 85 -22.22 -20.31 27.27
CA GLN B 85 -22.53 -20.86 28.56
C GLN B 85 -23.27 -22.16 28.46
N LYS B 86 -24.30 -22.20 27.66
CA LYS B 86 -25.07 -23.45 27.47
C LYS B 86 -24.23 -24.69 27.17
N PHE B 87 -23.00 -24.46 26.68
CA PHE B 87 -22.12 -25.54 26.24
C PHE B 87 -20.86 -25.58 27.10
N GLY B 88 -20.95 -25.05 28.32
CA GLY B 88 -19.89 -25.15 29.32
C GLY B 88 -18.53 -24.59 28.92
N CYS B 89 -18.54 -23.39 28.32
CA CYS B 89 -17.32 -22.67 27.90
C CYS B 89 -17.29 -21.36 28.65
N SER B 90 -16.26 -21.20 29.47
CA SER B 90 -16.20 -20.08 30.41
C SER B 90 -15.93 -18.80 29.68
N ASP B 91 -16.15 -17.69 30.37
CA ASP B 91 -15.93 -16.37 29.77
C ASP B 91 -14.44 -16.13 29.50
N GLU B 92 -13.55 -16.83 30.22
CA GLU B 92 -12.09 -16.74 29.98
C GLU B 92 -11.66 -17.57 28.76
N VAL B 93 -12.16 -18.81 28.65
CA VAL B 93 -11.84 -19.68 27.49
C VAL B 93 -12.33 -19.04 26.16
N LEU B 94 -13.50 -18.40 26.19
CA LEU B 94 -14.00 -17.61 25.07
C LEU B 94 -13.11 -16.43 24.68
N LEU B 95 -12.67 -15.64 25.65
CA LEU B 95 -11.85 -14.46 25.32
C LEU B 95 -10.41 -14.84 24.85
N ASN B 96 -9.86 -15.93 25.42
CA ASN B 96 -8.57 -16.46 24.95
C ASN B 96 -8.67 -16.88 23.51
N PHE B 97 -9.75 -17.61 23.22
CA PHE B 97 -10.06 -18.01 21.88
C PHE B 97 -10.07 -16.83 20.94
N ILE B 98 -10.88 -15.82 21.28
CA ILE B 98 -10.97 -14.58 20.45
C ILE B 98 -9.63 -13.88 20.24
N LEU B 99 -8.82 -13.82 21.30
CA LEU B 99 -7.51 -13.16 21.20
C LEU B 99 -6.49 -14.04 20.47
N GLN B 100 -6.57 -15.37 20.65
CA GLN B 100 -5.75 -16.28 19.83
C GLN B 100 -6.04 -16.16 18.33
N CYS B 101 -7.32 -16.11 17.95
CA CYS B 101 -7.70 -15.88 16.56
C CYS B 101 -7.09 -14.58 16.06
N ARG B 102 -7.27 -13.50 16.81
CA ARG B 102 -6.76 -12.19 16.49
C ARG B 102 -5.28 -12.21 16.24
N LYS B 103 -4.52 -12.82 17.13
CA LYS B 103 -3.06 -13.01 16.93
C LYS B 103 -2.67 -13.48 15.52
N LYS B 104 -3.49 -14.38 14.97
CA LYS B 104 -3.18 -15.04 13.72
C LYS B 104 -3.69 -14.27 12.50
N TYR B 105 -4.34 -13.11 12.69
CA TYR B 105 -4.68 -12.26 11.58
C TYR B 105 -3.59 -11.24 11.42
N ARG B 106 -3.31 -10.94 10.17
CA ARG B 106 -2.33 -9.96 9.78
C ARG B 106 -2.94 -8.60 9.38
N ASN B 107 -2.08 -7.64 9.20
CA ASN B 107 -2.46 -6.33 8.82
C ASN B 107 -2.45 -6.21 7.30
N VAL B 108 -3.39 -6.88 6.65
CA VAL B 108 -3.69 -6.68 5.22
C VAL B 108 -4.93 -5.81 5.13
N PRO B 109 -5.20 -5.23 3.95
CA PRO B 109 -6.33 -4.32 3.92
C PRO B 109 -7.74 -4.92 4.16
N TYR B 110 -8.01 -6.11 3.63
CA TYR B 110 -9.35 -6.73 3.77
C TYR B 110 -9.37 -7.94 4.68
N HIS B 111 -8.59 -8.99 4.40
CA HIS B 111 -8.67 -10.24 5.18
C HIS B 111 -7.91 -10.16 6.51
N ASN B 112 -8.40 -9.26 7.35
CA ASN B 112 -7.80 -8.97 8.66
C ASN B 112 -8.84 -9.28 9.74
N PHE B 113 -8.56 -8.96 10.98
CA PHE B 113 -9.46 -9.28 12.04
C PHE B 113 -10.84 -8.65 11.89
N TYR B 114 -10.91 -7.47 11.31
CA TYR B 114 -12.17 -6.78 11.14
C TYR B 114 -13.10 -7.56 10.25
N HIS B 115 -12.60 -8.04 9.13
CA HIS B 115 -13.40 -8.92 8.26
C HIS B 115 -14.06 -10.07 9.04
N VAL B 116 -13.36 -10.71 9.95
CA VAL B 116 -13.96 -11.89 10.58
C VAL B 116 -14.93 -11.53 11.68
N VAL B 117 -14.76 -10.34 12.25
CA VAL B 117 -15.67 -9.83 13.27
C VAL B 117 -16.93 -9.38 12.53
N ASP B 118 -16.75 -8.64 11.44
CA ASP B 118 -17.85 -8.29 10.58
C ASP B 118 -18.68 -9.55 10.24
N VAL B 119 -18.02 -10.64 9.80
CA VAL B 119 -18.73 -11.84 9.35
C VAL B 119 -19.44 -12.47 10.52
N CYS B 120 -18.77 -12.51 11.68
CA CYS B 120 -19.41 -12.97 12.87
C CYS B 120 -20.67 -12.19 13.25
N GLN B 121 -20.58 -10.86 13.19
CA GLN B 121 -21.71 -9.96 13.52
C GLN B 121 -22.84 -10.09 12.50
N THR B 122 -22.48 -10.06 11.23
CA THR B 122 -23.44 -10.31 10.17
C THR B 122 -24.21 -11.64 10.32
N ILE B 123 -23.52 -12.71 10.67
CA ILE B 123 -24.16 -14.03 10.86
C ILE B 123 -25.09 -14.01 12.06
N HIS B 124 -24.69 -13.28 13.10
CA HIS B 124 -25.61 -13.05 14.23
C HIS B 124 -26.91 -12.41 13.74
N THR B 125 -26.82 -11.40 12.88
CA THR B 125 -28.03 -10.78 12.37
C THR B 125 -28.86 -11.75 11.51
N PHE B 126 -28.19 -12.58 10.71
CA PHE B 126 -28.90 -13.53 9.83
C PHE B 126 -29.65 -14.55 10.68
N LEU B 127 -29.03 -14.93 11.79
CA LEU B 127 -29.59 -15.92 12.64
C LEU B 127 -30.81 -15.35 13.37
N TYR B 128 -30.71 -14.14 13.88
CA TYR B 128 -31.64 -13.67 14.88
C TYR B 128 -32.64 -12.62 14.36
N ARG B 129 -32.17 -11.64 13.63
CA ARG B 129 -33.05 -10.76 12.82
C ARG B 129 -33.66 -11.46 11.63
N GLY B 130 -32.92 -12.39 11.04
CA GLY B 130 -33.39 -13.11 9.86
C GLY B 130 -34.12 -14.38 10.16
N ASN B 131 -34.12 -14.75 11.44
CA ASN B 131 -34.75 -15.98 11.95
C ASN B 131 -34.28 -17.28 11.27
N VAL B 132 -33.00 -17.30 10.91
CA VAL B 132 -32.38 -18.50 10.38
C VAL B 132 -32.10 -19.49 11.55
N TYR B 133 -31.90 -18.96 12.78
CA TYR B 133 -31.81 -19.83 13.98
C TYR B 133 -32.89 -20.96 14.04
N GLU B 134 -34.09 -20.69 13.56
CA GLU B 134 -35.18 -21.69 13.58
C GLU B 134 -34.82 -22.96 12.84
N LYS B 135 -33.96 -22.81 11.84
CA LYS B 135 -33.56 -23.93 10.99
C LYS B 135 -32.42 -24.76 11.61
N LEU B 136 -31.88 -24.31 12.74
CA LEU B 136 -30.65 -24.90 13.33
C LEU B 136 -30.78 -25.20 14.83
N THR B 137 -29.98 -26.12 15.30
CA THR B 137 -29.89 -26.41 16.74
C THR B 137 -29.12 -25.28 17.34
N GLU B 138 -29.17 -25.18 18.65
CA GLU B 138 -28.37 -24.15 19.34
C GLU B 138 -26.85 -24.36 19.13
N LEU B 139 -26.39 -25.62 19.16
CA LEU B 139 -24.99 -25.93 18.92
C LEU B 139 -24.55 -25.42 17.53
N GLU B 140 -25.35 -25.66 16.50
CA GLU B 140 -25.07 -25.17 15.15
C GLU B 140 -24.95 -23.64 15.11
N CYS B 141 -25.85 -22.93 15.79
CA CYS B 141 -25.72 -21.46 15.87
C CYS B 141 -24.39 -21.05 16.52
N PHE B 142 -24.01 -21.76 17.57
CA PHE B 142 -22.78 -21.51 18.35
C PHE B 142 -21.52 -21.76 17.52
N VAL B 143 -21.49 -22.92 16.88
CA VAL B 143 -20.41 -23.28 15.95
C VAL B 143 -20.28 -22.25 14.78
N LEU B 144 -21.39 -21.75 14.26
CA LEU B 144 -21.33 -20.77 13.20
C LEU B 144 -20.65 -19.49 13.63
N LEU B 145 -21.02 -18.97 14.78
CA LEU B 145 -20.42 -17.75 15.27
C LEU B 145 -18.95 -17.94 15.55
N ILE B 146 -18.59 -19.11 16.04
CA ILE B 146 -17.23 -19.45 16.34
C ILE B 146 -16.47 -19.59 15.04
N THR B 147 -17.07 -20.24 14.08
CA THR B 147 -16.43 -20.49 12.78
C THR B 147 -16.18 -19.20 12.02
N ALA B 148 -17.08 -18.23 12.14
CA ALA B 148 -16.83 -16.88 11.61
C ALA B 148 -15.46 -16.33 11.94
N LEU B 149 -14.99 -16.62 13.13
CA LEU B 149 -13.78 -15.98 13.65
C LEU B 149 -12.52 -16.68 13.27
N VAL B 150 -12.65 -17.95 12.87
CA VAL B 150 -11.51 -18.75 12.36
C VAL B 150 -11.42 -18.89 10.86
N HIS B 151 -12.39 -18.38 10.09
CA HIS B 151 -12.61 -18.86 8.68
C HIS B 151 -11.56 -18.32 7.69
N ASP B 152 -10.84 -17.26 8.10
CA ASP B 152 -9.75 -16.65 7.27
C ASP B 152 -8.36 -16.57 8.00
N LEU B 153 -8.17 -17.35 9.07
CA LEU B 153 -6.91 -17.31 9.80
C LEU B 153 -5.62 -17.32 8.91
N ASP B 154 -4.73 -16.37 9.18
CA ASP B 154 -3.40 -16.25 8.57
C ASP B 154 -3.43 -15.97 7.08
N HIS B 155 -4.46 -15.27 6.63
CA HIS B 155 -4.58 -14.82 5.24
C HIS B 155 -3.49 -13.75 4.98
N MET B 156 -2.77 -13.91 3.90
CA MET B 156 -1.67 -13.00 3.51
C MET B 156 -2.18 -11.98 2.46
N GLY B 157 -3.47 -11.94 2.22
CA GLY B 157 -4.02 -11.11 1.16
C GLY B 157 -3.91 -11.61 -0.26
N LEU B 158 -3.60 -12.89 -0.45
CA LEU B 158 -3.37 -13.50 -1.78
C LEU B 158 -4.32 -14.66 -1.98
N ASN B 159 -4.94 -14.77 -3.15
CA ASN B 159 -5.98 -15.80 -3.34
C ASN B 159 -5.36 -17.18 -3.60
N ASN B 160 -6.19 -18.23 -3.76
CA ASN B 160 -5.67 -19.61 -3.91
C ASN B 160 -4.87 -19.68 -5.20
N SER B 161 -5.40 -19.04 -6.22
CA SER B 161 -4.76 -19.02 -7.51
C SER B 161 -3.31 -18.54 -7.49
N PHE B 162 -2.99 -17.53 -6.66
CA PHE B 162 -1.63 -17.03 -6.59
C PHE B 162 -0.66 -18.15 -6.18
N TYR B 163 -1.02 -18.92 -5.16
CA TYR B 163 -0.22 -19.99 -4.62
C TYR B 163 0.08 -21.11 -5.62
N LEU B 164 -0.90 -21.45 -6.44
CA LEU B 164 -0.74 -22.50 -7.46
C LEU B 164 0.10 -22.01 -8.64
N LYS B 165 -0.24 -20.86 -9.22
CA LYS B 165 0.47 -20.41 -10.42
C LYS B 165 1.92 -20.04 -10.15
N THR B 166 2.23 -19.43 -9.00
CA THR B 166 3.62 -19.19 -8.61
C THR B 166 4.35 -20.41 -7.97
N GLU B 167 3.70 -21.58 -7.90
CA GLU B 167 4.27 -22.78 -7.26
C GLU B 167 5.01 -22.48 -5.94
N SER B 168 4.39 -21.62 -5.17
CA SER B 168 4.79 -21.31 -3.83
C SER B 168 4.59 -22.59 -2.95
N PRO B 169 5.33 -22.75 -1.85
CA PRO B 169 5.28 -23.97 -0.99
C PRO B 169 3.93 -24.49 -0.57
N LEU B 170 3.06 -23.62 -0.04
CA LEU B 170 1.65 -23.98 0.27
C LEU B 170 0.89 -24.54 -0.92
N GLY B 171 1.05 -23.94 -2.09
CA GLY B 171 0.41 -24.41 -3.28
C GLY B 171 0.94 -25.79 -3.65
N ILE B 172 2.27 -25.95 -3.55
CA ILE B 172 2.90 -27.26 -3.81
C ILE B 172 2.31 -28.32 -2.90
N LEU B 173 2.33 -28.04 -1.61
CA LEU B 173 1.71 -28.91 -0.63
C LEU B 173 0.26 -29.27 -0.91
N SER B 174 -0.50 -28.30 -1.41
CA SER B 174 -1.89 -28.52 -1.76
C SER B 174 -2.01 -29.39 -2.98
N SER B 175 -1.12 -29.20 -3.96
CA SER B 175 -1.15 -30.05 -5.17
C SER B 175 -0.86 -31.50 -4.78
N ALA B 176 0.30 -31.70 -4.14
CA ALA B 176 0.72 -33.03 -3.65
C ALA B 176 -0.37 -33.79 -2.89
N SER B 177 -1.06 -33.10 -1.97
CA SER B 177 -2.10 -33.77 -1.14
C SER B 177 -3.52 -33.86 -1.72
N GLY B 178 -3.78 -33.22 -2.87
CA GLY B 178 -5.09 -33.30 -3.57
C GLY B 178 -6.23 -32.31 -3.25
N ASN B 179 -5.99 -31.21 -2.52
CA ASN B 179 -7.06 -30.21 -2.28
C ASN B 179 -6.54 -28.84 -2.73
N THR B 180 -7.15 -28.29 -3.78
CA THR B 180 -6.81 -26.95 -4.30
C THR B 180 -7.34 -25.74 -3.50
N SER B 181 -8.15 -25.99 -2.48
CA SER B 181 -8.54 -24.96 -1.55
C SER B 181 -7.36 -24.73 -0.62
N VAL B 182 -6.33 -24.13 -1.19
CA VAL B 182 -5.05 -23.92 -0.52
C VAL B 182 -5.25 -23.19 0.79
N LEU B 183 -5.89 -22.02 0.76
CA LEU B 183 -6.09 -21.21 1.99
C LEU B 183 -7.04 -21.83 3.02
N GLU B 184 -8.10 -22.48 2.53
CA GLU B 184 -9.18 -22.92 3.43
C GLU B 184 -8.71 -24.07 4.29
N VAL B 185 -7.96 -25.00 3.67
CA VAL B 185 -7.32 -26.08 4.42
C VAL B 185 -6.36 -25.47 5.43
N HIS B 186 -5.58 -24.49 5.02
CA HIS B 186 -4.68 -23.79 5.94
C HIS B 186 -5.41 -23.18 7.11
N HIS B 187 -6.50 -22.44 6.84
CA HIS B 187 -7.26 -21.80 7.94
C HIS B 187 -7.76 -22.87 8.92
N CYS B 188 -8.27 -23.98 8.36
CA CYS B 188 -8.68 -25.11 9.18
C CYS B 188 -7.60 -25.70 10.08
N ASN B 189 -6.40 -25.94 9.53
CA ASN B 189 -5.29 -26.46 10.37
C ASN B 189 -5.06 -25.47 11.52
N LEU B 190 -5.10 -24.16 11.27
CA LEU B 190 -4.87 -23.19 12.35
C LEU B 190 -5.99 -23.10 13.38
N ALA B 191 -7.23 -23.35 12.96
CA ALA B 191 -8.36 -23.45 13.90
C ALA B 191 -8.18 -24.65 14.83
N VAL B 192 -7.92 -25.85 14.26
CA VAL B 192 -7.63 -27.05 15.06
C VAL B 192 -6.53 -26.78 16.13
N GLU B 193 -5.45 -26.20 15.68
CA GLU B 193 -4.33 -25.81 16.55
C GLU B 193 -4.74 -24.87 17.72
N ILE B 194 -5.52 -23.83 17.46
CA ILE B 194 -6.01 -22.96 18.55
C ILE B 194 -6.92 -23.74 19.49
N LEU B 195 -7.80 -24.58 18.95
CA LEU B 195 -8.68 -25.39 19.81
C LEU B 195 -7.94 -26.54 20.55
N SER B 196 -6.79 -26.94 20.03
CA SER B 196 -5.97 -27.99 20.64
C SER B 196 -5.49 -27.60 22.06
N ASP B 197 -5.34 -26.30 22.33
CA ASP B 197 -5.05 -25.80 23.68
C ASP B 197 -6.34 -25.60 24.50
N PRO B 198 -6.52 -26.38 25.60
CA PRO B 198 -7.69 -26.27 26.49
C PRO B 198 -8.05 -24.87 27.00
N GLU B 199 -7.06 -23.99 27.11
CA GLU B 199 -7.28 -22.59 27.53
C GLU B 199 -8.04 -21.73 26.51
N SER B 200 -8.00 -22.12 25.23
CA SER B 200 -8.85 -21.50 24.18
C SER B 200 -9.91 -22.46 23.58
N ASP B 201 -9.98 -23.70 24.02
CA ASP B 201 -10.87 -24.67 23.41
C ASP B 201 -12.27 -24.37 23.83
N VAL B 202 -12.94 -23.55 23.01
CA VAL B 202 -14.34 -23.21 23.20
C VAL B 202 -15.33 -24.37 23.04
N PHE B 203 -14.88 -25.52 22.51
CA PHE B 203 -15.68 -26.76 22.45
C PHE B 203 -15.20 -27.79 23.50
N ASP B 204 -14.39 -27.38 24.48
CA ASP B 204 -13.92 -28.35 25.47
C ASP B 204 -15.08 -28.92 26.33
N GLY B 205 -16.14 -28.13 26.50
CA GLY B 205 -17.37 -28.53 27.21
C GLY B 205 -18.24 -29.58 26.55
N LEU B 206 -18.04 -29.84 25.26
CA LEU B 206 -18.89 -30.80 24.55
C LEU B 206 -18.33 -32.21 24.66
N GLU B 207 -19.18 -33.18 24.35
CA GLU B 207 -18.86 -34.60 24.48
C GLU B 207 -19.43 -35.38 23.30
N GLY B 208 -18.90 -36.55 23.03
CA GLY B 208 -19.50 -37.51 22.09
C GLY B 208 -19.73 -36.93 20.71
N ALA B 209 -20.87 -37.30 20.14
CA ALA B 209 -21.37 -36.74 18.86
C ALA B 209 -21.40 -35.20 18.80
N GLU B 210 -21.71 -34.52 19.91
CA GLU B 210 -21.75 -33.03 19.93
C GLU B 210 -20.40 -32.44 19.63
N ARG B 211 -19.36 -32.93 20.30
CA ARG B 211 -17.96 -32.48 20.03
C ARG B 211 -17.52 -32.73 18.57
N THR B 212 -17.83 -33.91 18.06
CA THR B 212 -17.49 -34.31 16.73
C THR B 212 -18.16 -33.39 15.70
N LEU B 213 -19.48 -33.26 15.81
CA LEU B 213 -20.28 -32.34 15.01
C LEU B 213 -19.71 -30.93 15.05
N ALA B 214 -19.29 -30.42 16.22
CA ALA B 214 -18.71 -29.07 16.27
C ALA B 214 -17.55 -28.95 15.35
N PHE B 215 -16.59 -29.87 15.51
CA PHE B 215 -15.37 -29.82 14.78
C PHE B 215 -15.61 -30.05 13.30
N ARG B 216 -16.42 -31.05 12.96
CA ARG B 216 -16.70 -31.39 11.58
C ARG B 216 -17.50 -30.30 10.88
N SER B 217 -18.52 -29.78 11.55
CA SER B 217 -19.37 -28.80 10.90
C SER B 217 -18.53 -27.55 10.67
N MET B 218 -17.71 -27.20 11.66
CA MET B 218 -16.79 -26.07 11.54
C MET B 218 -15.89 -26.20 10.31
N ILE B 219 -15.26 -27.34 10.18
CA ILE B 219 -14.34 -27.60 9.10
C ILE B 219 -15.05 -27.59 7.77
N ASP B 220 -16.22 -28.18 7.70
CA ASP B 220 -16.98 -28.21 6.48
C ASP B 220 -17.32 -26.80 6.05
N CYS B 221 -17.74 -25.97 6.97
CA CYS B 221 -18.07 -24.62 6.64
C CYS B 221 -16.88 -23.86 6.11
N VAL B 222 -15.76 -23.93 6.80
CA VAL B 222 -14.59 -23.19 6.33
C VAL B 222 -14.22 -23.61 4.92
N LEU B 223 -14.24 -24.93 4.68
CA LEU B 223 -13.94 -25.48 3.33
C LEU B 223 -14.88 -24.96 2.29
N ALA B 224 -16.13 -24.73 2.66
CA ALA B 224 -17.14 -24.24 1.69
C ALA B 224 -17.00 -22.77 1.27
N THR B 225 -16.14 -22.01 1.96
CA THR B 225 -15.92 -20.59 1.66
C THR B 225 -15.02 -20.36 0.44
N ASP B 226 -14.35 -21.39 -0.05
CA ASP B 226 -13.64 -21.31 -1.30
C ASP B 226 -14.63 -20.92 -2.40
N MET B 227 -14.47 -19.76 -3.02
CA MET B 227 -15.43 -19.28 -4.05
C MET B 227 -15.39 -20.06 -5.36
N ALA B 228 -14.36 -20.86 -5.54
CA ALA B 228 -14.36 -21.87 -6.59
C ALA B 228 -15.49 -22.91 -6.44
N LYS B 229 -15.88 -23.24 -5.20
CA LYS B 229 -16.99 -24.16 -4.92
C LYS B 229 -18.35 -23.46 -4.77
N HIS B 230 -18.46 -22.22 -5.21
CA HIS B 230 -19.63 -21.38 -4.89
C HIS B 230 -20.91 -21.89 -5.50
N GLY B 231 -20.87 -22.10 -6.81
CA GLY B 231 -22.02 -22.62 -7.52
C GLY B 231 -22.48 -23.95 -6.94
N SER B 232 -21.55 -24.85 -6.64
CA SER B 232 -21.94 -26.21 -6.22
C SER B 232 -22.50 -26.26 -4.79
N ALA B 233 -22.01 -25.39 -3.92
CA ALA B 233 -22.62 -25.20 -2.61
C ALA B 233 -24.00 -24.63 -2.73
N LEU B 234 -24.21 -23.73 -3.68
CA LEU B 234 -25.51 -23.13 -3.87
C LEU B 234 -26.50 -24.15 -4.38
N GLU B 235 -26.10 -25.05 -5.28
CA GLU B 235 -27.03 -26.08 -5.77
C GLU B 235 -27.30 -27.18 -4.72
N ALA B 236 -26.26 -27.66 -4.05
CA ALA B 236 -26.43 -28.53 -2.88
C ALA B 236 -27.52 -28.00 -1.89
N PHE B 237 -27.37 -26.76 -1.42
CA PHE B 237 -28.36 -26.17 -0.49
C PHE B 237 -29.79 -26.14 -1.05
N LEU B 238 -29.95 -25.64 -2.27
CA LEU B 238 -31.26 -25.42 -2.89
C LEU B 238 -31.99 -26.77 -3.11
N ALA B 239 -31.26 -27.76 -3.62
CA ALA B 239 -31.76 -29.15 -3.72
C ALA B 239 -32.15 -29.72 -2.37
N SER B 240 -31.28 -29.54 -1.40
CA SER B 240 -31.56 -29.92 -0.02
C SER B 240 -32.75 -29.15 0.58
N ALA B 241 -33.04 -27.94 0.09
CA ALA B 241 -34.16 -27.12 0.59
C ALA B 241 -35.54 -27.58 0.11
N ALA B 242 -35.58 -28.21 -1.05
CA ALA B 242 -36.77 -28.88 -1.57
C ALA B 242 -37.05 -30.18 -0.81
N ASP B 243 -36.00 -30.88 -0.39
CA ASP B 243 -36.14 -32.08 0.40
C ASP B 243 -35.67 -31.75 1.79
N GLN B 244 -36.18 -30.66 2.31
CA GLN B 244 -35.83 -30.18 3.63
C GLN B 244 -36.05 -31.26 4.64
N SER B 245 -37.22 -31.87 4.62
CA SER B 245 -37.56 -32.93 5.56
C SER B 245 -37.31 -34.32 4.97
N SER B 246 -36.55 -34.37 3.90
CA SER B 246 -36.19 -35.61 3.26
C SER B 246 -34.68 -35.58 3.19
N ASP B 247 -34.06 -35.69 4.39
CA ASP B 247 -32.62 -35.68 4.84
C ASP B 247 -32.27 -34.45 5.64
N GLU B 248 -32.83 -34.36 6.82
CA GLU B 248 -32.66 -33.20 7.67
C GLU B 248 -31.24 -32.90 8.08
N ALA B 249 -30.41 -33.91 8.21
CA ALA B 249 -29.03 -33.68 8.60
C ALA B 249 -28.23 -32.97 7.49
N ALA B 250 -28.44 -33.40 6.26
CA ALA B 250 -27.83 -32.74 5.13
C ALA B 250 -28.23 -31.26 5.07
N PHE B 251 -29.54 -31.01 5.22
CA PHE B 251 -30.09 -29.68 5.15
C PHE B 251 -29.52 -28.79 6.23
N HIS B 252 -29.42 -29.32 7.45
CA HIS B 252 -28.75 -28.59 8.54
C HIS B 252 -27.31 -28.17 8.19
N ARG B 253 -26.53 -29.09 7.65
CA ARG B 253 -25.16 -28.82 7.32
C ARG B 253 -25.07 -27.85 6.14
N MET B 254 -25.91 -28.01 5.11
CA MET B 254 -25.88 -27.10 3.93
C MET B 254 -26.26 -25.65 4.31
N THR B 255 -27.09 -25.50 5.34
CA THR B 255 -27.59 -24.24 5.80
C THR B 255 -26.50 -23.55 6.55
N MET B 256 -25.73 -24.31 7.35
CA MET B 256 -24.59 -23.75 8.05
C MET B 256 -23.54 -23.22 7.03
N GLU B 257 -23.21 -24.01 6.02
CA GLU B 257 -22.25 -23.61 5.00
C GLU B 257 -22.73 -22.39 4.21
N ILE B 258 -24.03 -22.38 3.92
CA ILE B 258 -24.68 -21.28 3.21
C ILE B 258 -24.67 -19.99 4.04
N ILE B 259 -24.87 -20.09 5.34
CA ILE B 259 -24.92 -18.88 6.16
C ILE B 259 -23.52 -18.29 6.30
N LEU B 260 -22.50 -19.15 6.48
CA LEU B 260 -21.14 -18.66 6.55
C LEU B 260 -20.80 -18.04 5.20
N LYS B 261 -21.19 -18.69 4.10
CA LYS B 261 -20.94 -18.08 2.79
C LYS B 261 -21.60 -16.73 2.67
N ALA B 262 -22.82 -16.67 3.16
CA ALA B 262 -23.63 -15.49 3.07
C ALA B 262 -22.92 -14.36 3.72
N GLY B 263 -22.50 -14.58 4.95
CA GLY B 263 -21.71 -13.64 5.73
C GLY B 263 -20.44 -13.16 5.03
N ASP B 264 -19.74 -14.07 4.37
CA ASP B 264 -18.54 -13.74 3.62
C ASP B 264 -18.84 -12.74 2.49
N ILE B 265 -19.99 -12.90 1.83
CA ILE B 265 -20.35 -11.97 0.72
C ILE B 265 -21.39 -10.94 1.11
N SER B 266 -21.45 -10.64 2.41
CA SER B 266 -22.48 -9.80 2.96
C SER B 266 -22.19 -8.29 2.91
N ASN B 267 -20.98 -7.89 2.50
CA ASN B 267 -20.59 -6.48 2.40
C ASN B 267 -21.59 -5.66 1.53
N VAL B 268 -22.02 -6.23 0.39
CA VAL B 268 -23.00 -5.54 -0.47
C VAL B 268 -24.41 -5.43 0.12
N THR B 269 -24.70 -6.10 1.25
CA THR B 269 -26.01 -6.05 1.89
C THR B 269 -26.06 -4.96 3.00
N LYS B 270 -25.01 -4.13 3.09
CA LYS B 270 -24.93 -3.16 4.19
C LYS B 270 -25.33 -1.77 3.71
N PRO B 271 -25.62 -0.87 4.68
CA PRO B 271 -25.85 0.52 4.34
C PRO B 271 -24.72 1.02 3.50
N PHE B 272 -25.07 1.54 2.34
CA PHE B 272 -24.12 1.96 1.35
C PHE B 272 -22.81 2.52 1.84
N ASP B 273 -22.84 3.31 2.88
CA ASP B 273 -21.61 3.86 3.35
C ASP B 273 -20.64 2.80 3.81
N ILE B 274 -21.14 1.83 4.52
CA ILE B 274 -20.33 0.74 5.00
C ILE B 274 -19.85 -0.10 3.82
N SER B 275 -20.77 -0.47 2.96
CA SER B 275 -20.49 -1.24 1.78
C SER B 275 -19.34 -0.66 0.97
N ARG B 276 -19.28 0.66 0.85
CA ARG B 276 -18.31 1.36 -0.01
C ARG B 276 -16.95 1.21 0.62
N GLN B 277 -16.92 1.27 1.94
CA GLN B 277 -15.67 1.15 2.68
C GLN B 277 -15.03 -0.22 2.48
N TRP B 278 -15.80 -1.29 2.77
CA TRP B 278 -15.46 -2.67 2.35
C TRP B 278 -14.97 -2.80 0.90
N ALA B 279 -15.68 -2.17 -0.02
CA ALA B 279 -15.28 -2.24 -1.43
C ALA B 279 -13.87 -1.63 -1.64
N MET B 280 -13.60 -0.55 -0.90
CA MET B 280 -12.33 0.12 -1.03
C MET B 280 -11.24 -0.83 -0.52
N ALA B 281 -11.47 -1.41 0.66
CA ALA B 281 -10.54 -2.32 1.31
C ALA B 281 -10.24 -3.52 0.43
N VAL B 282 -11.28 -4.21 -0.05
CA VAL B 282 -11.05 -5.38 -0.91
C VAL B 282 -10.32 -5.05 -2.18
N THR B 283 -10.62 -3.89 -2.77
CA THR B 283 -9.98 -3.46 -4.05
C THR B 283 -8.47 -3.20 -3.90
N GLU B 284 -8.11 -2.54 -2.82
CA GLU B 284 -6.75 -2.29 -2.51
C GLU B 284 -6.02 -3.65 -2.34
N GLU B 285 -6.63 -4.59 -1.64
CA GLU B 285 -6.02 -5.90 -1.40
C GLU B 285 -5.75 -6.65 -2.68
N PHE B 286 -6.70 -6.64 -3.61
CA PHE B 286 -6.50 -7.31 -4.89
C PHE B 286 -5.42 -6.60 -5.68
N TYR B 287 -5.35 -5.26 -5.53
CA TYR B 287 -4.40 -4.47 -6.31
C TYR B 287 -2.95 -4.78 -5.83
N ARG B 288 -2.78 -5.04 -4.54
CA ARG B 288 -1.55 -5.52 -4.00
C ARG B 288 -1.20 -6.94 -4.44
N GLN B 289 -2.18 -7.85 -4.62
CA GLN B 289 -1.85 -9.14 -5.24
C GLN B 289 -1.36 -8.87 -6.65
N GLY B 290 -1.99 -7.92 -7.34
CA GLY B 290 -1.63 -7.66 -8.74
C GLY B 290 -0.22 -7.14 -8.90
N ASP B 291 0.20 -6.30 -7.95
CA ASP B 291 1.58 -5.76 -7.88
C ASP B 291 2.60 -6.87 -7.63
N MET B 292 2.34 -7.73 -6.64
CA MET B 292 3.16 -8.92 -6.36
C MET B 292 3.27 -9.91 -7.52
N GLU B 293 2.18 -10.12 -8.24
CA GLU B 293 2.26 -10.92 -9.46
C GLU B 293 3.18 -10.26 -10.51
N LYS B 294 3.06 -8.95 -10.70
CA LYS B 294 3.94 -8.20 -11.63
C LYS B 294 5.44 -8.44 -11.29
N GLU B 295 5.77 -8.39 -9.99
CA GLU B 295 7.10 -8.77 -9.49
C GLU B 295 7.53 -10.21 -9.87
N ARG B 296 6.69 -11.20 -9.56
CA ARG B 296 6.96 -12.60 -9.92
C ARG B 296 7.05 -12.87 -11.43
N GLY B 297 6.69 -11.92 -12.30
CA GLY B 297 6.60 -12.19 -13.74
C GLY B 297 5.55 -13.28 -14.02
N VAL B 298 4.40 -13.25 -13.33
CA VAL B 298 3.27 -14.10 -13.67
C VAL B 298 2.11 -13.23 -14.18
N GLU B 299 1.16 -13.87 -14.84
CA GLU B 299 0.03 -13.19 -15.48
C GLU B 299 -0.83 -12.48 -14.44
N VAL B 300 -1.14 -11.20 -14.67
CA VAL B 300 -2.00 -10.42 -13.75
C VAL B 300 -3.31 -10.27 -14.47
N LEU B 301 -4.37 -10.85 -13.87
CA LEU B 301 -5.74 -10.74 -14.36
C LEU B 301 -6.26 -9.31 -14.05
N PRO B 302 -7.14 -8.75 -14.91
CA PRO B 302 -7.60 -7.32 -14.89
C PRO B 302 -8.09 -6.74 -13.56
N MET B 303 -8.80 -7.56 -12.81
CA MET B 303 -9.41 -7.19 -11.52
C MET B 303 -8.35 -6.91 -10.44
N PHE B 304 -7.18 -7.54 -10.60
CA PHE B 304 -6.04 -7.35 -9.73
C PHE B 304 -5.05 -6.24 -10.20
N ASP B 305 -5.32 -5.64 -11.37
CA ASP B 305 -4.38 -4.79 -12.12
C ASP B 305 -4.71 -3.27 -12.07
N ARG B 306 -4.00 -2.48 -11.23
CA ARG B 306 -4.16 -0.99 -11.10
C ARG B 306 -4.13 -0.17 -12.41
N SER B 307 -3.42 -0.69 -13.41
CA SER B 307 -3.29 0.00 -14.71
C SER B 307 -4.50 -0.11 -15.63
N LYS B 308 -5.55 -0.83 -15.24
CA LYS B 308 -6.85 -0.74 -15.94
C LYS B 308 -7.62 0.55 -15.51
N ASN B 309 -7.22 1.13 -14.37
CA ASN B 309 -7.84 2.34 -13.77
C ASN B 309 -9.37 2.19 -13.60
N MET B 310 -9.84 0.99 -13.25
CA MET B 310 -11.29 0.70 -13.20
C MET B 310 -11.95 1.38 -12.04
N GLU B 311 -13.17 1.84 -12.28
CA GLU B 311 -13.96 2.48 -11.26
C GLU B 311 -14.34 1.42 -10.26
N LEU B 312 -14.24 1.78 -8.98
CA LEU B 312 -14.77 1.01 -7.86
C LEU B 312 -16.22 0.48 -8.13
N ALA B 313 -17.07 1.40 -8.59
CA ALA B 313 -18.47 1.14 -8.89
C ALA B 313 -18.70 0.10 -9.97
N LYS B 314 -17.87 0.05 -10.99
CA LYS B 314 -18.03 -0.97 -12.04
C LYS B 314 -17.87 -2.39 -11.47
N GLY B 315 -16.91 -2.57 -10.56
CA GLY B 315 -16.61 -3.87 -10.01
C GLY B 315 -17.70 -4.33 -9.09
N GLN B 316 -18.12 -3.45 -8.18
CA GLN B 316 -19.23 -3.72 -7.27
C GLN B 316 -20.54 -4.14 -7.97
N ILE B 317 -20.87 -3.45 -9.05
CA ILE B 317 -22.06 -3.71 -9.84
C ILE B 317 -21.98 -5.08 -10.52
N GLY B 318 -20.81 -5.43 -11.04
CA GLY B 318 -20.61 -6.78 -11.58
C GLY B 318 -20.76 -7.88 -10.53
N PHE B 319 -20.20 -7.62 -9.34
CA PHE B 319 -20.20 -8.57 -8.27
C PHE B 319 -21.64 -8.75 -7.82
N ILE B 320 -22.36 -7.64 -7.67
CA ILE B 320 -23.74 -7.65 -7.32
C ILE B 320 -24.56 -8.42 -8.37
N ASP B 321 -24.37 -8.14 -9.65
CA ASP B 321 -25.25 -8.69 -10.66
C ASP B 321 -25.08 -10.17 -10.84
N PHE B 322 -23.84 -10.64 -10.83
CA PHE B 322 -23.52 -12.03 -11.15
C PHE B 322 -23.16 -12.96 -9.97
N VAL B 323 -22.91 -12.43 -8.76
CA VAL B 323 -22.68 -13.25 -7.57
C VAL B 323 -23.64 -12.93 -6.41
N ALA B 324 -23.56 -11.73 -5.83
CA ALA B 324 -24.37 -11.47 -4.65
C ALA B 324 -25.89 -11.49 -4.84
N ALA B 325 -26.41 -10.86 -5.89
CA ALA B 325 -27.86 -10.67 -6.00
C ALA B 325 -28.54 -11.97 -6.24
N PRO B 326 -28.04 -12.70 -7.24
CA PRO B 326 -28.66 -14.00 -7.44
C PRO B 326 -28.56 -14.87 -6.22
N PHE B 327 -27.41 -14.85 -5.55
CA PHE B 327 -27.16 -15.73 -4.41
C PHE B 327 -28.18 -15.46 -3.37
N PHE B 328 -28.23 -14.22 -2.92
CA PHE B 328 -29.12 -13.85 -1.82
C PHE B 328 -30.60 -14.06 -2.16
N GLN B 329 -30.95 -13.76 -3.41
CA GLN B 329 -32.32 -13.83 -3.86
C GLN B 329 -32.74 -15.27 -3.79
N LYS B 330 -31.92 -16.14 -4.38
CA LYS B 330 -32.24 -17.58 -4.43
C LYS B 330 -32.40 -18.24 -3.06
N ILE B 331 -31.54 -17.89 -2.10
CA ILE B 331 -31.60 -18.51 -0.80
C ILE B 331 -32.74 -17.93 0.00
N VAL B 332 -33.08 -16.65 -0.22
CA VAL B 332 -34.22 -16.04 0.49
C VAL B 332 -35.50 -16.71 0.05
N ASP B 333 -35.66 -16.91 -1.24
CA ASP B 333 -36.89 -17.46 -1.80
C ASP B 333 -37.02 -18.94 -1.53
N ALA B 334 -35.92 -19.67 -1.71
CA ALA B 334 -35.87 -21.13 -1.45
C ALA B 334 -36.24 -21.53 -0.06
N CYS B 335 -35.96 -20.67 0.94
CA CYS B 335 -36.07 -21.08 2.31
C CYS B 335 -35.96 -19.97 3.37
N LEU B 336 -35.14 -18.94 3.14
CA LEU B 336 -34.73 -17.99 4.18
C LEU B 336 -35.41 -16.63 4.07
N GLN B 337 -36.74 -16.69 4.12
CA GLN B 337 -37.60 -15.53 3.80
C GLN B 337 -37.38 -14.35 4.73
N GLY B 338 -36.94 -14.62 5.96
CA GLY B 338 -36.68 -13.56 6.92
C GLY B 338 -35.44 -12.75 6.60
N MET B 339 -34.67 -13.13 5.57
CA MET B 339 -33.46 -12.37 5.19
C MET B 339 -33.74 -11.47 3.97
N GLN B 340 -35.01 -11.05 3.81
CA GLN B 340 -35.45 -10.30 2.64
C GLN B 340 -34.69 -8.98 2.51
N TRP B 341 -34.32 -8.36 3.64
CA TRP B 341 -33.60 -7.09 3.62
C TRP B 341 -32.31 -7.12 2.85
N THR B 342 -31.61 -8.26 2.93
CA THR B 342 -30.36 -8.41 2.17
C THR B 342 -30.62 -8.03 0.71
N VAL B 343 -31.71 -8.54 0.15
CA VAL B 343 -32.04 -8.31 -1.26
C VAL B 343 -32.40 -6.85 -1.55
N ASP B 344 -33.21 -6.31 -0.65
CA ASP B 344 -33.64 -4.91 -0.72
C ASP B 344 -32.42 -3.99 -0.72
N ARG B 345 -31.46 -4.27 0.15
CA ARG B 345 -30.32 -3.39 0.29
C ARG B 345 -29.31 -3.49 -0.84
N ILE B 346 -29.18 -4.67 -1.44
CA ILE B 346 -28.29 -4.84 -2.58
C ILE B 346 -28.86 -3.98 -3.69
N LYS B 347 -30.17 -4.11 -3.91
CA LYS B 347 -30.96 -3.34 -4.90
C LYS B 347 -30.71 -1.84 -4.77
N SER B 348 -30.79 -1.34 -3.54
CA SER B 348 -30.54 0.07 -3.27
C SER B 348 -29.06 0.44 -3.44
N ASN B 349 -28.14 -0.24 -2.76
CA ASN B 349 -26.70 -0.10 -3.02
C ASN B 349 -26.35 -0.09 -4.53
N ARG B 350 -26.90 -1.02 -5.28
CA ARG B 350 -26.61 -1.09 -6.70
C ARG B 350 -26.95 0.23 -7.45
N ALA B 351 -28.14 0.75 -7.15
CA ALA B 351 -28.61 2.00 -7.77
C ALA B 351 -27.71 3.15 -7.34
N GLN B 352 -27.29 3.17 -6.07
CA GLN B 352 -26.37 4.19 -5.61
C GLN B 352 -25.05 4.10 -6.34
N TRP B 353 -24.58 2.89 -6.72
CA TRP B 353 -23.31 2.77 -7.51
C TRP B 353 -23.50 3.32 -8.92
N GLU B 354 -24.65 3.11 -9.52
CA GLU B 354 -24.90 3.61 -10.84
C GLU B 354 -24.95 5.10 -10.77
N ARG B 355 -25.45 5.62 -9.67
CA ARG B 355 -25.52 7.04 -9.49
C ARG B 355 -24.13 7.59 -9.51
N VAL B 356 -23.25 6.97 -8.73
CA VAL B 356 -21.87 7.38 -8.66
C VAL B 356 -21.26 7.35 -10.05
N LEU B 357 -21.46 6.27 -10.76
CA LEU B 357 -20.92 6.08 -12.10
C LEU B 357 -21.09 7.26 -13.05
N GLU B 358 -22.28 7.82 -13.09
CA GLU B 358 -22.56 8.95 -13.98
C GLU B 358 -22.15 10.34 -13.46
N THR B 359 -20.93 10.49 -12.97
CA THR B 359 -20.45 11.76 -12.49
C THR B 359 -18.99 11.88 -12.86
#